data_5OJ3
#
_entry.id   5OJ3
#
_cell.length_a   60.810
_cell.length_b   97.120
_cell.length_c   110.620
_cell.angle_alpha   90.00
_cell.angle_beta   90.00
_cell.angle_gamma   90.00
#
_symmetry.space_group_name_H-M   'P 21 21 21'
#
_entity_poly.entity_id   1
_entity_poly.type   'polypeptide(L)'
_entity_poly.pdbx_seq_one_letter_code
;MTSVSVAFTNVAGLLAHGSKSRCRNAEVLRSRSAAERASGDRQRWRICMSDGERVHAYTETVVESQLGFSVSRRALLHHL
ALGALAVALPRSGALVAAPLAETVRGAAWKQVPLPTESVLFDIDFSQKDPNHGWLVGTRGLVLETRDGGETWEPRAFEDV
EREEELNYRFSNVSFSGDEAWVIGKPPVMLRSTDGGKNWSRILLSPKLPGEPLLVTALGPNCAEMVTSSGAIYVTENGGI
NWKALVRETIDATLNRTISSGITGASYFTGSIVSVSRDVHGNYIAIPSRGNFFLTWVPGSDFWTPHARSTSRRISAIGFI
QNDATKGIWETIRGGGLGFTKPNVNLNSTETIAFDMVDSKTGGYGILDVAFQDDRHVWAAVGGGSMYRSDDGGKTWRRDP
LVSKVGANLYKIKFFGSQRGFVLGADGVLLKFHPENV
;
_entity_poly.pdbx_strand_id   A,B
#
# COMPACT_ATOMS: atom_id res chain seq x y z
N ALA A 107 3.42 23.11 19.93
CA ALA A 107 3.92 23.53 18.62
C ALA A 107 4.20 22.32 17.74
N ALA A 108 3.26 21.99 16.85
CA ALA A 108 3.25 20.70 16.18
C ALA A 108 4.15 20.62 14.95
N TRP A 109 4.53 21.76 14.37
CA TRP A 109 5.60 21.81 13.38
C TRP A 109 6.68 22.77 13.85
N LYS A 110 7.91 22.55 13.39
CA LYS A 110 8.97 23.49 13.74
C LYS A 110 10.07 23.35 12.70
N GLN A 111 10.73 24.47 12.40
CA GLN A 111 11.58 24.60 11.23
C GLN A 111 12.99 24.05 11.47
N VAL A 112 13.44 23.18 10.57
CA VAL A 112 14.82 22.76 10.50
C VAL A 112 15.57 23.71 9.57
N PRO A 113 16.53 24.49 10.08
CA PRO A 113 17.33 25.35 9.19
C PRO A 113 18.35 24.57 8.38
N LEU A 114 18.63 25.07 7.19
CA LEU A 114 19.55 24.44 6.26
C LEU A 114 20.39 25.53 5.58
N PRO A 115 21.55 25.16 4.98
CA PRO A 115 22.39 26.14 4.23
C PRO A 115 22.07 26.18 2.73
N THR A 116 20.87 26.65 2.39
CA THR A 116 20.54 26.92 1.00
C THR A 116 19.29 27.80 0.94
N GLU A 117 19.17 28.54 -0.16
CA GLU A 117 18.00 29.34 -0.48
C GLU A 117 17.13 28.72 -1.56
N SER A 118 17.42 27.49 -1.97
CA SER A 118 16.67 26.79 -2.99
C SER A 118 15.34 26.26 -2.44
N VAL A 119 14.38 26.00 -3.33
CA VAL A 119 13.07 25.50 -2.89
C VAL A 119 13.06 23.98 -2.92
N LEU A 120 12.62 23.40 -1.80
CA LEU A 120 12.66 21.96 -1.58
C LEU A 120 11.53 21.26 -2.34
N PHE A 121 11.85 20.15 -3.01
CA PHE A 121 10.87 19.48 -3.84
C PHE A 121 10.46 18.09 -3.36
N ASP A 122 11.36 17.33 -2.73
CA ASP A 122 10.97 16.03 -2.23
C ASP A 122 11.97 15.54 -1.20
N ILE A 123 11.51 14.61 -0.38
CA ILE A 123 12.32 13.97 0.66
C ILE A 123 11.84 12.53 0.80
N ASP A 124 12.78 11.60 0.96
CA ASP A 124 12.43 10.21 1.17
C ASP A 124 13.51 9.55 2.02
N PHE A 125 13.16 8.42 2.63
CA PHE A 125 14.02 7.78 3.61
C PHE A 125 14.28 6.32 3.23
N SER A 126 15.52 5.89 3.41
CA SER A 126 15.91 4.50 3.20
C SER A 126 15.09 3.56 4.08
N GLN A 127 14.77 2.38 3.54
CA GLN A 127 14.02 1.38 4.28
C GLN A 127 14.91 0.58 5.22
N LYS A 128 16.20 0.46 4.92
CA LYS A 128 17.09 -0.36 5.74
C LYS A 128 17.50 0.36 7.02
N ASP A 129 17.78 1.67 6.92
CA ASP A 129 17.93 2.53 8.10
C ASP A 129 16.89 3.62 7.96
N PRO A 130 15.78 3.55 8.70
CA PRO A 130 14.68 4.53 8.53
C PRO A 130 15.01 5.94 8.98
N ASN A 131 16.20 6.17 9.54
CA ASN A 131 16.66 7.52 9.83
C ASN A 131 17.54 8.08 8.72
N HIS A 132 17.95 7.25 7.78
CA HIS A 132 18.79 7.67 6.66
C HIS A 132 17.91 8.13 5.50
N GLY A 133 18.02 9.42 5.15
CA GLY A 133 17.17 9.98 4.11
C GLY A 133 17.82 11.11 3.36
N TRP A 134 17.19 11.48 2.25
CA TRP A 134 17.68 12.48 1.30
C TRP A 134 16.56 13.45 0.96
N LEU A 135 16.94 14.68 0.59
CA LEU A 135 15.99 15.71 0.19
C LEU A 135 16.55 16.45 -1.02
N VAL A 136 15.66 16.88 -1.91
CA VAL A 136 16.03 17.40 -3.21
C VAL A 136 15.39 18.77 -3.42
N GLY A 137 16.02 19.56 -4.28
CA GLY A 137 15.55 20.90 -4.54
C GLY A 137 16.04 21.48 -5.85
N THR A 138 15.98 22.81 -5.94
CA THR A 138 16.39 23.59 -7.08
C THR A 138 17.91 23.82 -7.12
N ARG A 139 18.39 24.25 -8.28
CA ARG A 139 19.77 24.67 -8.46
C ARG A 139 20.75 23.61 -7.96
N GLY A 140 20.40 22.35 -8.20
CA GLY A 140 21.27 21.26 -7.81
C GLY A 140 21.27 20.92 -6.34
N LEU A 141 20.20 21.23 -5.62
CA LEU A 141 20.18 21.01 -4.18
C LEU A 141 19.99 19.53 -3.86
N VAL A 142 20.92 18.99 -3.07
CA VAL A 142 20.84 17.62 -2.55
C VAL A 142 21.43 17.63 -1.15
N LEU A 143 20.66 17.20 -0.15
CA LEU A 143 21.15 17.11 1.21
C LEU A 143 20.88 15.73 1.79
N GLU A 144 21.79 15.28 2.65
CA GLU A 144 21.77 13.94 3.22
C GLU A 144 21.50 14.02 4.72
N THR A 145 20.74 13.06 5.23
CA THR A 145 20.50 12.93 6.66
C THR A 145 20.76 11.50 7.13
N ARG A 146 21.30 11.40 8.34
CA ARG A 146 21.38 10.13 9.06
C ARG A 146 20.83 10.21 10.48
N ASP A 147 20.15 11.30 10.83
CA ASP A 147 19.51 11.44 12.13
C ASP A 147 18.00 11.71 12.03
N GLY A 148 17.37 11.30 10.93
CA GLY A 148 15.94 11.46 10.78
C GLY A 148 15.44 12.86 10.45
N GLY A 149 16.21 13.62 9.69
CA GLY A 149 15.81 14.94 9.26
C GLY A 149 16.06 16.04 10.26
N GLU A 150 16.87 15.79 11.28
CA GLU A 150 17.20 16.82 12.25
C GLU A 150 18.44 17.61 11.84
N THR A 151 19.42 16.94 11.23
CA THR A 151 20.61 17.59 10.69
C THR A 151 20.81 17.14 9.25
N TRP A 152 21.35 18.06 8.44
CA TRP A 152 21.57 17.85 7.03
C TRP A 152 22.95 18.34 6.65
N GLU A 153 23.56 17.70 5.65
CA GLU A 153 24.85 18.15 5.14
C GLU A 153 24.87 18.00 3.62
N PRO A 154 25.20 19.07 2.89
CA PRO A 154 25.13 19.03 1.43
C PRO A 154 26.00 17.96 0.78
N ARG A 155 25.62 17.58 -0.44
CA ARG A 155 26.28 16.48 -1.13
C ARG A 155 26.09 16.61 -2.64
N ALA A 156 26.94 15.88 -3.36
CA ALA A 156 26.99 15.92 -4.80
C ALA A 156 27.07 14.52 -5.39
N PHE A 157 26.66 14.42 -6.66
CA PHE A 157 26.63 13.15 -7.36
C PHE A 157 27.98 12.82 -8.01
N ASN A 167 24.27 21.68 -12.72
CA ASN A 167 23.29 21.38 -11.68
C ASN A 167 21.87 21.71 -12.14
N TYR A 168 20.91 20.86 -11.80
CA TYR A 168 19.56 20.91 -12.32
C TYR A 168 18.56 21.21 -11.20
N ARG A 169 17.27 21.16 -11.54
CA ARG A 169 16.20 21.13 -10.55
C ARG A 169 15.80 19.68 -10.32
N PHE A 170 15.90 19.22 -9.08
CA PHE A 170 15.64 17.84 -8.73
C PHE A 170 14.21 17.68 -8.24
N SER A 171 13.42 16.89 -8.97
CA SER A 171 11.98 16.85 -8.75
C SER A 171 11.61 15.93 -7.59
N ASN A 172 12.16 14.71 -7.56
CA ASN A 172 11.78 13.80 -6.48
C ASN A 172 12.89 12.78 -6.25
N VAL A 173 12.75 12.08 -5.12
CA VAL A 173 13.63 10.99 -4.73
C VAL A 173 12.75 9.88 -4.17
N SER A 174 13.18 8.62 -4.35
CA SER A 174 12.35 7.49 -3.98
C SER A 174 13.21 6.29 -3.63
N PHE A 175 12.91 5.66 -2.49
CA PHE A 175 13.70 4.55 -1.96
C PHE A 175 12.93 3.23 -2.03
N SER A 176 13.68 2.15 -2.25
CA SER A 176 13.21 0.80 -2.02
C SER A 176 14.37 -0.01 -1.47
N GLY A 177 14.23 -0.53 -0.26
CA GLY A 177 15.35 -1.18 0.41
C GLY A 177 16.40 -0.15 0.79
N ASP A 178 17.52 -0.17 0.07
CA ASP A 178 18.52 0.89 0.16
C ASP A 178 18.78 1.54 -1.19
N GLU A 179 18.01 1.16 -2.20
CA GLU A 179 18.14 1.69 -3.56
C GLU A 179 17.29 2.95 -3.69
N ALA A 180 17.89 4.02 -4.19
CA ALA A 180 17.21 5.31 -4.32
C ALA A 180 17.25 5.77 -5.78
N TRP A 181 16.16 6.41 -6.21
CA TRP A 181 16.05 6.94 -7.56
C TRP A 181 15.71 8.43 -7.47
N VAL A 182 16.40 9.24 -8.27
CA VAL A 182 16.17 10.68 -8.34
C VAL A 182 15.95 11.06 -9.80
N ILE A 183 15.04 12.01 -10.04
CA ILE A 183 14.86 12.59 -11.36
C ILE A 183 14.84 14.11 -11.23
N GLY A 184 15.09 14.78 -12.36
CA GLY A 184 15.19 16.23 -12.37
C GLY A 184 14.77 16.82 -13.70
N LYS A 185 14.83 18.14 -13.78
CA LYS A 185 14.51 18.91 -14.97
C LYS A 185 15.68 19.82 -15.34
N PRO A 186 16.08 19.86 -16.63
CA PRO A 186 15.75 19.04 -17.79
C PRO A 186 15.90 17.53 -17.56
N PRO A 187 15.35 16.68 -18.45
CA PRO A 187 15.30 15.24 -18.16
C PRO A 187 16.63 14.65 -17.71
N VAL A 188 16.68 14.26 -16.45
CA VAL A 188 17.88 13.70 -15.82
C VAL A 188 17.42 12.65 -14.82
N MET A 189 18.10 11.50 -14.80
CA MET A 189 17.81 10.47 -13.82
C MET A 189 19.10 9.92 -13.24
N LEU A 190 19.05 9.57 -11.95
CA LEU A 190 20.16 8.96 -11.25
C LEU A 190 19.61 7.97 -10.25
N ARG A 191 20.41 6.93 -9.97
CA ARG A 191 20.09 6.04 -8.87
C ARG A 191 21.36 5.64 -8.16
N SER A 192 21.20 5.23 -6.91
CA SER A 192 22.26 4.64 -6.12
C SER A 192 21.68 3.43 -5.41
N THR A 193 22.44 2.35 -5.41
CA THR A 193 22.10 1.14 -4.67
C THR A 193 22.89 1.06 -3.37
N ASP A 194 23.51 2.16 -2.95
CA ASP A 194 24.37 2.15 -1.77
C ASP A 194 23.83 3.05 -0.66
N GLY A 195 22.57 3.48 -0.76
CA GLY A 195 22.06 4.53 0.09
C GLY A 195 22.53 5.92 -0.29
N GLY A 196 23.54 6.05 -1.15
CA GLY A 196 23.97 7.35 -1.60
C GLY A 196 25.47 7.47 -1.76
N LYS A 197 26.21 6.43 -1.37
CA LYS A 197 27.67 6.42 -1.52
C LYS A 197 28.09 6.84 -2.93
N ASN A 198 27.43 6.27 -3.94
CA ASN A 198 27.85 6.41 -5.32
C ASN A 198 26.62 6.38 -6.20
N TRP A 199 26.49 7.38 -7.07
CA TRP A 199 25.33 7.53 -7.92
C TRP A 199 25.74 7.34 -9.39
N SER A 200 24.77 6.91 -10.20
CA SER A 200 25.03 6.63 -11.60
C SER A 200 23.99 7.35 -12.46
N ARG A 201 24.46 8.07 -13.48
CA ARG A 201 23.57 8.70 -14.43
C ARG A 201 22.83 7.64 -15.24
N ILE A 202 21.62 7.96 -15.66
CA ILE A 202 20.78 7.05 -16.46
C ILE A 202 20.27 7.84 -17.65
N LEU A 203 20.70 7.45 -18.86
CA LEU A 203 20.27 8.14 -20.06
C LEU A 203 18.83 7.78 -20.41
N LEU A 204 18.07 8.79 -20.81
CA LEU A 204 16.68 8.61 -21.17
C LEU A 204 16.48 8.94 -22.64
N SER A 205 15.49 8.28 -23.24
CA SER A 205 15.32 8.29 -24.69
C SER A 205 14.60 9.55 -25.15
N PRO A 206 14.98 10.10 -26.31
CA PRO A 206 14.24 11.26 -26.84
C PRO A 206 12.86 10.92 -27.38
N LYS A 207 12.58 9.65 -27.67
CA LYS A 207 11.22 9.27 -28.06
C LYS A 207 10.35 8.93 -26.85
N LEU A 208 10.90 8.96 -25.65
CA LEU A 208 10.06 8.93 -24.45
C LEU A 208 9.31 10.26 -24.36
N PRO A 209 7.99 10.24 -24.37
CA PRO A 209 7.23 11.50 -24.47
C PRO A 209 7.24 12.28 -23.17
N GLY A 210 7.23 13.61 -23.32
CA GLY A 210 7.33 14.48 -22.16
C GLY A 210 8.69 14.33 -21.50
N GLU A 211 8.76 14.79 -20.26
CA GLU A 211 9.95 14.65 -19.42
C GLU A 211 9.58 13.96 -18.12
N PRO A 212 10.55 13.35 -17.43
CA PRO A 212 10.23 12.62 -16.20
C PRO A 212 9.53 13.50 -15.17
N LEU A 213 8.46 12.99 -14.60
CA LEU A 213 7.66 13.70 -13.63
C LEU A 213 7.57 13.00 -12.29
N LEU A 214 7.58 11.67 -12.26
CA LEU A 214 7.46 10.93 -11.01
C LEU A 214 8.17 9.58 -11.19
N VAL A 215 9.12 9.30 -10.31
CA VAL A 215 9.74 7.99 -10.24
C VAL A 215 9.35 7.37 -8.90
N THR A 216 9.20 6.05 -8.91
CA THR A 216 8.78 5.31 -7.72
C THR A 216 9.57 4.01 -7.66
N ALA A 217 10.32 3.83 -6.58
CA ALA A 217 11.15 2.64 -6.43
C ALA A 217 10.29 1.46 -6.01
N LEU A 218 10.41 0.35 -6.77
CA LEU A 218 9.54 -0.80 -6.59
C LEU A 218 10.22 -1.99 -5.94
N GLY A 219 11.54 -2.02 -5.91
CA GLY A 219 12.27 -3.19 -5.46
C GLY A 219 13.65 -3.21 -6.08
N PRO A 220 14.35 -4.33 -5.97
CA PRO A 220 15.70 -4.44 -6.53
C PRO A 220 15.70 -4.17 -8.02
N ASN A 221 16.44 -3.15 -8.44
CA ASN A 221 16.63 -2.78 -9.84
C ASN A 221 15.31 -2.50 -10.56
N CYS A 222 14.26 -2.13 -9.81
CA CYS A 222 12.92 -1.99 -10.36
C CYS A 222 12.35 -0.63 -9.98
N ALA A 223 11.75 0.06 -10.94
CA ALA A 223 11.19 1.38 -10.70
C ALA A 223 10.21 1.73 -11.82
N GLU A 224 9.20 2.51 -11.47
CA GLU A 224 8.21 3.00 -12.43
C GLU A 224 8.33 4.51 -12.58
N MET A 225 8.39 4.97 -13.82
CA MET A 225 8.47 6.40 -14.13
C MET A 225 7.20 6.86 -14.82
N VAL A 226 6.74 8.06 -14.44
CA VAL A 226 5.64 8.74 -15.09
C VAL A 226 6.15 10.03 -15.69
N THR A 227 5.74 10.33 -16.91
CA THR A 227 6.24 11.49 -17.63
C THR A 227 5.16 12.56 -17.76
N SER A 228 5.60 13.77 -18.09
CA SER A 228 4.69 14.89 -18.34
C SER A 228 3.58 14.51 -19.31
N SER A 229 3.86 13.61 -20.26
CA SER A 229 2.87 13.17 -21.24
C SER A 229 1.84 12.20 -20.66
N GLY A 230 2.02 11.74 -19.43
CA GLY A 230 1.18 10.71 -18.88
C GLY A 230 1.65 9.30 -19.14
N ALA A 231 2.74 9.14 -19.89
CA ALA A 231 3.29 7.82 -20.15
C ALA A 231 3.86 7.22 -18.88
N ILE A 232 3.64 5.92 -18.69
CA ILE A 232 4.10 5.18 -17.53
C ILE A 232 5.01 4.06 -18.00
N TYR A 233 6.21 3.99 -17.44
CA TYR A 233 7.23 3.03 -17.81
C TYR A 233 7.76 2.35 -16.55
N VAL A 234 8.12 1.07 -16.70
CA VAL A 234 8.82 0.31 -15.66
C VAL A 234 10.17 -0.14 -16.22
N THR A 235 11.21 -0.03 -15.41
CA THR A 235 12.49 -0.68 -15.66
C THR A 235 12.63 -1.81 -14.65
N GLU A 236 13.26 -2.91 -15.08
CA GLU A 236 13.53 -4.02 -14.19
C GLU A 236 15.00 -4.37 -14.17
N ASN A 237 15.84 -3.66 -14.93
CA ASN A 237 17.28 -3.87 -14.96
C ASN A 237 18.03 -2.61 -14.57
N GLY A 238 17.46 -1.85 -13.63
CA GLY A 238 18.14 -0.71 -13.06
C GLY A 238 18.26 0.50 -13.95
N GLY A 239 17.35 0.67 -14.90
CA GLY A 239 17.31 1.84 -15.76
C GLY A 239 17.65 1.59 -17.20
N ILE A 240 18.16 0.41 -17.55
CA ILE A 240 18.61 0.14 -18.92
C ILE A 240 17.42 0.19 -19.88
N ASN A 241 16.44 -0.67 -19.67
CA ASN A 241 15.28 -0.77 -20.55
C ASN A 241 14.03 -0.24 -19.86
N TRP A 242 13.12 0.30 -20.67
CA TRP A 242 11.85 0.83 -20.18
C TRP A 242 10.72 0.25 -21.03
N LYS A 243 10.01 -0.74 -20.49
CA LYS A 243 8.79 -1.22 -21.12
C LYS A 243 7.63 -0.34 -20.68
N ALA A 244 6.83 0.11 -21.66
CA ALA A 244 5.69 0.95 -21.35
C ALA A 244 4.56 0.12 -20.74
N LEU A 245 3.72 0.79 -19.96
CA LEU A 245 2.58 0.14 -19.32
C LEU A 245 1.24 0.54 -19.92
N VAL A 246 1.14 1.70 -20.57
CA VAL A 246 -0.11 2.21 -21.10
C VAL A 246 0.00 2.23 -22.62
N ARG A 247 -0.78 1.37 -23.28
CA ARG A 247 -0.77 1.31 -24.73
C ARG A 247 -1.24 2.64 -25.34
N GLU A 248 -2.23 3.27 -24.73
CA GLU A 248 -2.97 4.36 -25.33
C GLU A 248 -2.59 5.69 -24.70
N THR A 249 -2.15 6.63 -25.52
CA THR A 249 -1.86 7.98 -25.04
C THR A 249 -3.15 8.66 -24.59
N ILE A 250 -3.00 9.66 -23.73
CA ILE A 250 -4.17 10.30 -23.10
C ILE A 250 -5.02 10.99 -24.15
N ASP A 251 -4.39 11.72 -25.07
CA ASP A 251 -5.16 12.39 -26.12
C ASP A 251 -5.78 11.41 -27.10
N ALA A 252 -5.29 10.17 -27.16
CA ALA A 252 -5.98 9.15 -27.93
C ALA A 252 -7.31 8.78 -27.27
N THR A 253 -7.32 8.73 -25.93
CA THR A 253 -8.56 8.44 -25.21
C THR A 253 -9.42 9.69 -25.05
N LEU A 254 -8.79 10.85 -24.88
CA LEU A 254 -9.57 12.09 -24.82
C LEU A 254 -10.33 12.33 -26.12
N ASN A 255 -9.80 11.86 -27.24
CA ASN A 255 -10.51 11.86 -28.51
C ASN A 255 -11.58 10.78 -28.59
N ARG A 256 -11.90 10.16 -27.45
CA ARG A 256 -12.81 9.03 -27.39
C ARG A 256 -13.84 9.18 -26.28
N THR A 257 -13.88 10.30 -25.57
CA THR A 257 -14.74 10.43 -24.41
C THR A 257 -16.00 11.25 -24.74
N ILE A 258 -17.06 10.95 -24.00
CA ILE A 258 -18.34 11.66 -24.16
C ILE A 258 -18.90 12.05 -22.79
N SER A 259 -18.06 12.05 -21.76
CA SER A 259 -18.50 12.25 -20.39
C SER A 259 -18.35 13.69 -19.91
N SER A 260 -18.29 14.65 -20.82
CA SER A 260 -18.04 16.06 -20.51
C SER A 260 -16.62 16.27 -19.97
N GLY A 261 -15.65 15.65 -20.62
CA GLY A 261 -14.26 15.90 -20.31
C GLY A 261 -13.80 17.25 -20.82
N ILE A 262 -12.51 17.38 -21.11
CA ILE A 262 -12.03 18.63 -21.71
C ILE A 262 -12.64 18.81 -23.09
N THR A 263 -12.94 17.72 -23.78
CA THR A 263 -13.34 17.72 -25.18
C THR A 263 -14.58 18.55 -25.46
N GLY A 264 -15.27 19.05 -24.43
CA GLY A 264 -16.34 20.01 -24.63
C GLY A 264 -15.93 21.42 -24.30
N ALA A 265 -15.25 21.60 -23.15
CA ALA A 265 -14.95 22.94 -22.64
C ALA A 265 -13.69 23.53 -23.26
N SER A 266 -12.55 22.87 -23.07
CA SER A 266 -11.27 23.39 -23.50
C SER A 266 -10.60 22.41 -24.47
N TYR A 267 -9.62 22.92 -25.20
CA TYR A 267 -8.70 22.06 -25.94
C TYR A 267 -7.57 21.65 -25.02
N PHE A 268 -7.11 20.41 -25.15
CA PHE A 268 -6.23 19.80 -24.18
C PHE A 268 -4.77 20.12 -24.48
N THR A 269 -4.20 21.03 -23.70
CA THR A 269 -2.74 21.12 -23.59
C THR A 269 -2.22 19.78 -23.09
N GLY A 270 -1.30 19.17 -23.84
CA GLY A 270 -1.02 17.78 -23.62
C GLY A 270 0.00 17.44 -22.55
N SER A 271 -0.12 18.04 -21.37
CA SER A 271 0.68 17.64 -20.22
C SER A 271 -0.21 17.51 -19.00
N ILE A 272 0.30 16.79 -18.00
CA ILE A 272 -0.43 16.54 -16.77
C ILE A 272 0.36 17.09 -15.58
N VAL A 273 -0.34 17.25 -14.46
CA VAL A 273 0.20 17.93 -13.28
C VAL A 273 -0.23 17.12 -12.06
N SER A 274 0.57 17.20 -10.99
CA SER A 274 0.19 16.72 -9.67
C SER A 274 -0.14 15.22 -9.70
N VAL A 275 0.84 14.46 -10.16
CA VAL A 275 0.69 13.02 -10.29
C VAL A 275 1.24 12.35 -9.05
N SER A 276 0.50 11.38 -8.54
CA SER A 276 0.88 10.65 -7.34
C SER A 276 0.51 9.19 -7.56
N ARG A 277 1.23 8.32 -6.86
CA ARG A 277 1.02 6.88 -6.97
C ARG A 277 0.44 6.34 -5.67
N ASP A 278 -0.50 5.42 -5.82
CA ASP A 278 -1.24 4.81 -4.74
C ASP A 278 -0.43 3.66 -4.13
N VAL A 279 -0.89 3.17 -2.98
CA VAL A 279 -0.16 2.12 -2.30
C VAL A 279 -0.29 0.80 -3.04
N HIS A 280 -1.32 0.64 -3.86
CA HIS A 280 -1.51 -0.54 -4.69
C HIS A 280 -1.15 -0.29 -6.16
N GLY A 281 -0.43 0.79 -6.45
CA GLY A 281 0.02 1.08 -7.80
C GLY A 281 -0.95 1.86 -8.65
N ASN A 282 -2.03 2.37 -8.09
CA ASN A 282 -2.93 3.24 -8.84
C ASN A 282 -2.31 4.62 -8.99
N TYR A 283 -2.56 5.25 -10.13
CA TYR A 283 -2.09 6.59 -10.39
C TYR A 283 -3.27 7.56 -10.49
N ILE A 284 -3.05 8.79 -10.03
CA ILE A 284 -4.01 9.87 -10.21
C ILE A 284 -3.23 11.11 -10.63
N ALA A 285 -3.83 11.89 -11.52
CA ALA A 285 -3.15 13.04 -12.10
C ALA A 285 -4.21 14.01 -12.56
N ILE A 286 -3.77 15.17 -13.04
CA ILE A 286 -4.69 16.22 -13.44
C ILE A 286 -4.16 16.87 -14.71
N PRO A 287 -5.03 17.24 -15.66
CA PRO A 287 -4.55 18.01 -16.81
C PRO A 287 -4.07 19.39 -16.39
N SER A 288 -3.25 19.98 -17.26
CA SER A 288 -2.59 21.25 -16.97
C SER A 288 -3.60 22.33 -16.57
N ARG A 289 -4.78 22.31 -17.18
CA ARG A 289 -5.76 23.38 -16.99
C ARG A 289 -6.91 22.97 -16.07
N GLY A 290 -6.77 21.84 -15.36
CA GLY A 290 -7.68 21.51 -14.29
C GLY A 290 -9.10 21.18 -14.70
N ASN A 291 -9.34 20.90 -15.99
CA ASN A 291 -10.71 20.78 -16.47
C ASN A 291 -11.35 19.47 -16.01
N PHE A 292 -10.54 18.48 -15.66
CA PHE A 292 -11.00 17.18 -15.19
C PHE A 292 -9.84 16.58 -14.41
N PHE A 293 -9.92 15.28 -14.12
CA PHE A 293 -8.75 14.59 -13.60
C PHE A 293 -8.69 13.19 -14.19
N LEU A 294 -7.55 12.53 -14.02
CA LEU A 294 -7.26 11.26 -14.67
C LEU A 294 -6.74 10.26 -13.65
N THR A 295 -7.06 8.99 -13.88
CA THR A 295 -6.59 7.91 -13.02
C THR A 295 -6.14 6.75 -13.89
N TRP A 296 -5.24 5.93 -13.33
CA TRP A 296 -4.77 4.71 -13.97
C TRP A 296 -4.57 3.65 -12.90
N VAL A 297 -5.20 2.50 -13.09
CA VAL A 297 -5.00 1.37 -12.19
C VAL A 297 -4.26 0.29 -12.98
N PRO A 298 -3.38 -0.48 -12.35
CA PRO A 298 -2.60 -1.48 -13.09
C PRO A 298 -3.47 -2.38 -13.94
N GLY A 299 -2.97 -2.72 -15.13
CA GLY A 299 -3.65 -3.60 -16.05
C GLY A 299 -4.50 -2.92 -17.10
N SER A 300 -4.93 -1.69 -16.86
CA SER A 300 -5.74 -0.99 -17.85
C SER A 300 -4.85 -0.36 -18.91
N ASP A 301 -5.39 -0.30 -20.13
CA ASP A 301 -4.62 0.15 -21.29
C ASP A 301 -4.68 1.65 -21.49
N PHE A 302 -5.32 2.39 -20.58
CA PHE A 302 -5.47 3.82 -20.76
C PHE A 302 -5.79 4.47 -19.41
N TRP A 303 -5.45 5.75 -19.30
CA TRP A 303 -5.99 6.53 -18.20
C TRP A 303 -7.49 6.67 -18.36
N THR A 304 -8.20 6.72 -17.24
CA THR A 304 -9.63 6.91 -17.28
C THR A 304 -9.94 8.34 -16.88
N PRO A 305 -10.62 9.11 -17.74
CA PRO A 305 -10.93 10.50 -17.40
C PRO A 305 -12.26 10.66 -16.67
N HIS A 306 -12.28 11.59 -15.72
CA HIS A 306 -13.42 11.82 -14.85
C HIS A 306 -13.78 13.29 -14.82
N ALA A 307 -15.07 13.59 -14.95
CA ALA A 307 -15.53 14.97 -14.90
C ALA A 307 -15.38 15.56 -13.50
N ARG A 308 -14.96 16.81 -13.44
CA ARG A 308 -14.88 17.51 -12.17
C ARG A 308 -16.27 17.78 -11.62
N SER A 309 -16.32 18.07 -10.33
CA SER A 309 -17.57 18.25 -9.61
C SER A 309 -17.77 19.70 -9.20
N THR A 310 -17.13 20.63 -9.89
CA THR A 310 -17.16 22.01 -9.45
C THR A 310 -17.61 22.95 -10.54
N SER A 311 -18.02 24.13 -10.08
CA SER A 311 -18.05 25.30 -10.94
C SER A 311 -16.65 25.58 -11.45
N ARG A 312 -15.74 25.82 -10.53
CA ARG A 312 -14.34 26.20 -10.79
C ARG A 312 -13.48 25.00 -11.19
N ARG A 313 -12.20 25.27 -11.45
CA ARG A 313 -11.26 24.25 -11.91
C ARG A 313 -10.41 23.75 -10.74
N ILE A 314 -9.80 22.60 -10.94
CA ILE A 314 -9.08 21.89 -9.88
C ILE A 314 -7.63 22.33 -9.91
N SER A 315 -7.01 22.44 -8.73
CA SER A 315 -5.61 22.81 -8.64
C SER A 315 -4.71 21.66 -8.20
N ALA A 316 -5.17 20.82 -7.28
CA ALA A 316 -4.37 19.73 -6.74
C ALA A 316 -5.27 18.52 -6.52
N ILE A 317 -4.64 17.35 -6.43
CA ILE A 317 -5.38 16.11 -6.27
C ILE A 317 -4.44 15.02 -5.77
N GLY A 318 -5.00 14.04 -5.06
CA GLY A 318 -4.21 12.94 -4.51
C GLY A 318 -5.11 11.98 -3.79
N PHE A 319 -4.49 10.94 -3.22
CA PHE A 319 -5.21 9.90 -2.49
C PHE A 319 -5.14 10.17 -0.98
N ILE A 320 -6.21 9.77 -0.28
CA ILE A 320 -6.24 9.91 1.17
C ILE A 320 -5.29 8.91 1.80
N GLN A 321 -4.27 9.42 2.49
CA GLN A 321 -3.14 8.65 3.02
C GLN A 321 -2.75 7.52 2.06
N ASN A 322 -2.53 7.92 0.80
CA ASN A 322 -1.90 7.08 -0.22
C ASN A 322 -2.64 5.78 -0.46
N ASP A 323 -3.97 5.81 -0.38
CA ASP A 323 -4.75 4.61 -0.65
C ASP A 323 -6.08 5.00 -1.26
N ALA A 324 -6.31 4.56 -2.50
CA ALA A 324 -7.55 4.85 -3.20
C ALA A 324 -8.77 4.18 -2.57
N THR A 325 -8.58 3.17 -1.72
CA THR A 325 -9.70 2.58 -1.01
C THR A 325 -10.21 3.44 0.13
N LYS A 326 -9.51 4.51 0.50
CA LYS A 326 -10.00 5.47 1.47
C LYS A 326 -10.50 6.77 0.84
N GLY A 327 -10.20 6.99 -0.44
CA GLY A 327 -10.83 8.05 -1.19
C GLY A 327 -9.82 8.99 -1.83
N ILE A 328 -10.36 9.99 -2.52
CA ILE A 328 -9.60 11.01 -3.22
C ILE A 328 -9.91 12.36 -2.59
N TRP A 329 -8.89 13.21 -2.48
CA TRP A 329 -9.08 14.61 -2.13
C TRP A 329 -8.76 15.47 -3.35
N GLU A 330 -9.39 16.64 -3.42
CA GLU A 330 -9.13 17.58 -4.50
C GLU A 330 -9.09 18.98 -3.93
N THR A 331 -8.34 19.84 -4.61
CA THR A 331 -8.25 21.24 -4.26
C THR A 331 -8.73 22.08 -5.43
N ILE A 332 -9.68 22.94 -5.18
CA ILE A 332 -10.27 23.76 -6.21
C ILE A 332 -9.59 25.13 -6.14
N ARG A 333 -9.47 25.80 -7.29
CA ARG A 333 -8.85 27.12 -7.25
C ARG A 333 -9.71 28.10 -6.47
N GLY A 334 -9.04 29.00 -5.75
CA GLY A 334 -9.71 29.88 -4.81
C GLY A 334 -10.07 29.23 -3.49
N GLY A 335 -9.47 28.10 -3.15
CA GLY A 335 -9.58 27.55 -1.81
C GLY A 335 -10.56 26.41 -1.61
N GLY A 336 -11.17 25.90 -2.68
CA GLY A 336 -12.08 24.78 -2.53
C GLY A 336 -11.39 23.52 -2.03
N LEU A 337 -12.21 22.58 -1.55
CA LEU A 337 -11.70 21.35 -0.99
C LEU A 337 -12.85 20.36 -0.88
N GLY A 338 -12.60 19.12 -1.31
CA GLY A 338 -13.60 18.08 -1.22
C GLY A 338 -12.96 16.71 -1.14
N PHE A 339 -13.74 15.75 -0.64
CA PHE A 339 -13.30 14.37 -0.50
C PHE A 339 -14.39 13.44 -0.99
N THR A 340 -14.00 12.21 -1.32
CA THR A 340 -14.93 11.21 -1.84
C THR A 340 -15.19 10.15 -0.78
N LYS A 341 -16.32 9.47 -0.93
CA LYS A 341 -16.61 8.30 -0.10
C LYS A 341 -15.54 7.23 -0.34
N PRO A 342 -15.28 6.38 0.65
CA PRO A 342 -14.32 5.29 0.44
C PRO A 342 -14.78 4.33 -0.64
N ASN A 343 -13.83 3.53 -1.14
CA ASN A 343 -14.09 2.46 -2.11
C ASN A 343 -14.74 3.01 -3.38
N VAL A 344 -13.97 3.82 -4.10
CA VAL A 344 -14.38 4.37 -5.39
C VAL A 344 -13.70 3.56 -6.50
N ASN A 345 -14.48 3.18 -7.50
CA ASN A 345 -13.97 2.42 -8.64
C ASN A 345 -13.35 3.41 -9.62
N LEU A 346 -12.02 3.47 -9.65
CA LEU A 346 -11.32 4.41 -10.52
C LEU A 346 -11.39 4.03 -11.99
N ASN A 347 -11.99 2.89 -12.34
CA ASN A 347 -12.23 2.55 -13.73
C ASN A 347 -13.64 2.88 -14.18
N SER A 348 -14.55 3.14 -13.25
CA SER A 348 -15.93 3.44 -13.60
C SER A 348 -16.02 4.86 -14.15
N THR A 349 -16.75 5.01 -15.26
CA THR A 349 -16.96 6.30 -15.90
C THR A 349 -18.11 7.08 -15.28
N GLU A 350 -18.70 6.56 -14.21
CA GLU A 350 -19.88 7.15 -13.60
C GLU A 350 -19.39 8.19 -12.59
N THR A 351 -19.65 9.47 -12.88
CA THR A 351 -18.97 10.61 -12.27
C THR A 351 -18.80 10.49 -10.76
N ILE A 352 -17.55 10.56 -10.32
CA ILE A 352 -17.17 10.51 -8.90
C ILE A 352 -17.61 11.79 -8.19
N ALA A 353 -18.40 11.64 -7.14
CA ALA A 353 -18.97 12.76 -6.42
C ALA A 353 -18.09 13.11 -5.22
N PHE A 354 -17.64 14.36 -5.15
CA PHE A 354 -16.89 14.84 -4.00
C PHE A 354 -17.82 15.59 -3.04
N ASP A 355 -17.59 15.40 -1.75
CA ASP A 355 -18.31 16.13 -0.72
C ASP A 355 -17.52 17.38 -0.38
N MET A 356 -18.05 18.55 -0.72
CA MET A 356 -17.33 19.79 -0.53
C MET A 356 -17.33 20.21 0.95
N VAL A 357 -16.25 20.85 1.34
CA VAL A 357 -16.03 21.24 2.73
C VAL A 357 -15.63 22.71 2.75
N ASP A 358 -15.89 23.38 3.87
CA ASP A 358 -15.52 24.78 4.05
C ASP A 358 -14.10 24.80 4.61
N SER A 359 -13.14 24.98 3.71
CA SER A 359 -11.72 25.01 4.11
C SER A 359 -11.42 26.16 5.07
N LYS A 360 -12.16 27.27 4.97
CA LYS A 360 -11.97 28.46 5.81
C LYS A 360 -10.66 29.17 5.53
N THR A 361 -10.09 28.93 4.35
CA THR A 361 -8.83 29.52 3.94
C THR A 361 -8.93 30.96 3.49
N GLY A 362 -10.13 31.48 3.31
CA GLY A 362 -10.34 32.78 2.69
C GLY A 362 -10.29 32.62 1.19
N GLY A 363 -9.69 33.58 0.48
CA GLY A 363 -9.61 33.40 -0.95
C GLY A 363 -8.38 32.66 -1.41
N TYR A 364 -7.50 32.36 -0.47
CA TYR A 364 -6.23 31.71 -0.74
C TYR A 364 -6.46 30.25 -1.15
N GLY A 365 -5.70 29.80 -2.14
CA GLY A 365 -5.85 28.45 -2.64
C GLY A 365 -5.05 27.43 -1.85
N ILE A 366 -5.60 26.23 -1.74
CA ILE A 366 -4.90 25.12 -1.09
C ILE A 366 -3.84 24.63 -2.04
N LEU A 367 -2.67 24.24 -1.50
CA LEU A 367 -1.58 23.77 -2.34
C LEU A 367 -1.28 22.30 -2.18
N ASP A 368 -1.52 21.71 -1.00
CA ASP A 368 -1.40 20.28 -0.81
C ASP A 368 -2.08 19.87 0.49
N VAL A 369 -2.58 18.64 0.52
CA VAL A 369 -3.29 18.08 1.67
C VAL A 369 -2.67 16.73 2.01
N ALA A 370 -2.48 16.48 3.30
CA ALA A 370 -1.85 15.24 3.76
C ALA A 370 -2.50 14.78 5.05
N PHE A 371 -2.77 13.48 5.14
CA PHE A 371 -3.36 12.88 6.31
C PHE A 371 -2.28 12.23 7.17
N GLN A 372 -2.37 12.45 8.49
CA GLN A 372 -1.55 11.72 9.45
C GLN A 372 -2.22 10.41 9.86
N ASP A 373 -3.54 10.44 10.05
CA ASP A 373 -4.34 9.24 10.22
C ASP A 373 -5.73 9.56 9.70
N ASP A 374 -6.71 8.74 10.08
CA ASP A 374 -8.09 8.97 9.64
C ASP A 374 -8.58 10.36 10.04
N ARG A 375 -8.24 10.83 11.25
CA ARG A 375 -8.86 12.02 11.79
C ARG A 375 -8.02 13.29 11.71
N HIS A 376 -6.70 13.20 11.67
CA HIS A 376 -5.86 14.40 11.66
C HIS A 376 -5.37 14.70 10.26
N VAL A 377 -5.72 15.88 9.75
CA VAL A 377 -5.37 16.31 8.40
C VAL A 377 -4.68 17.67 8.46
N TRP A 378 -3.82 17.91 7.49
CA TRP A 378 -3.06 19.14 7.38
C TRP A 378 -3.09 19.63 5.94
N ALA A 379 -3.02 20.96 5.77
CA ALA A 379 -3.07 21.56 4.45
C ALA A 379 -2.12 22.75 4.38
N ALA A 380 -1.49 22.93 3.22
CA ALA A 380 -0.62 24.07 2.95
C ALA A 380 -1.35 25.05 2.04
N VAL A 381 -1.28 26.34 2.37
CA VAL A 381 -2.11 27.36 1.76
C VAL A 381 -1.23 28.46 1.18
N GLY A 382 -1.78 29.17 0.18
CA GLY A 382 -1.01 30.12 -0.60
C GLY A 382 -0.51 31.31 0.19
N GLY A 383 -1.17 31.67 1.29
CA GLY A 383 -0.73 32.78 2.10
C GLY A 383 0.48 32.50 2.95
N GLY A 384 1.16 31.38 2.73
CA GLY A 384 2.20 30.94 3.63
C GLY A 384 1.67 30.35 4.91
N SER A 385 0.40 29.97 4.93
CA SER A 385 -0.26 29.47 6.12
C SER A 385 -0.35 27.95 6.13
N MET A 386 -0.82 27.42 7.25
CA MET A 386 -0.96 25.99 7.48
C MET A 386 -2.29 25.75 8.16
N TYR A 387 -3.13 24.91 7.56
CA TYR A 387 -4.46 24.63 8.09
C TYR A 387 -4.55 23.22 8.63
N ARG A 388 -5.48 23.03 9.55
CA ARG A 388 -5.60 21.81 10.34
C ARG A 388 -7.04 21.34 10.39
N SER A 389 -7.20 20.01 10.45
CA SER A 389 -8.49 19.38 10.70
C SER A 389 -8.27 18.17 11.60
N ASP A 390 -9.08 18.04 12.65
CA ASP A 390 -8.97 16.92 13.57
C ASP A 390 -10.24 16.06 13.60
N ASP A 391 -11.08 16.15 12.58
CA ASP A 391 -12.32 15.43 12.51
C ASP A 391 -12.48 14.90 11.08
N GLY A 392 -11.48 14.13 10.64
CA GLY A 392 -11.32 13.90 9.22
C GLY A 392 -11.00 15.21 8.52
N GLY A 393 -11.58 15.40 7.35
CA GLY A 393 -11.45 16.68 6.67
C GLY A 393 -12.71 17.51 6.75
N LYS A 394 -13.44 17.38 7.86
CA LYS A 394 -14.81 17.88 7.89
C LYS A 394 -14.90 19.31 8.39
N THR A 395 -14.11 19.70 9.39
CA THR A 395 -14.04 21.08 9.87
C THR A 395 -12.57 21.50 9.92
N TRP A 396 -12.29 22.74 9.53
CA TRP A 396 -10.92 23.16 9.34
C TRP A 396 -10.61 24.40 10.18
N ARG A 397 -9.37 24.48 10.65
CA ARG A 397 -8.85 25.58 11.43
C ARG A 397 -7.53 26.04 10.81
N ARG A 398 -7.04 27.21 11.21
CA ARG A 398 -5.75 27.71 10.72
C ARG A 398 -4.78 27.82 11.89
N ASP A 399 -3.77 26.97 11.91
CA ASP A 399 -2.79 26.92 12.98
C ASP A 399 -1.96 28.19 13.00
N PRO A 400 -2.09 29.07 14.00
CA PRO A 400 -1.45 30.39 13.94
C PRO A 400 0.02 30.41 14.33
N LEU A 401 0.52 29.39 15.03
CA LEU A 401 1.90 29.42 15.51
C LEU A 401 2.87 28.79 14.53
N VAL A 402 2.38 28.15 13.48
CA VAL A 402 3.23 27.54 12.47
C VAL A 402 3.23 28.35 11.17
N SER A 403 2.26 29.24 10.98
CA SER A 403 2.12 29.98 9.75
C SER A 403 3.02 31.22 9.83
N LYS A 404 3.98 31.32 8.92
CA LYS A 404 4.77 32.52 8.73
C LYS A 404 4.41 33.13 7.39
N VAL A 405 4.20 34.44 7.37
CA VAL A 405 3.86 35.11 6.13
C VAL A 405 5.17 35.34 5.38
N GLY A 406 5.08 35.42 4.06
CA GLY A 406 6.28 35.55 3.25
C GLY A 406 6.80 34.23 2.73
N ALA A 407 7.25 33.36 3.64
CA ALA A 407 7.76 32.05 3.22
C ALA A 407 6.61 31.19 2.70
N ASN A 408 6.85 30.49 1.60
CA ASN A 408 5.83 29.71 0.93
C ASN A 408 5.93 28.24 1.30
N LEU A 409 4.78 27.57 1.33
CA LEU A 409 4.67 26.16 1.73
C LEU A 409 3.97 25.39 0.62
N TYR A 410 4.67 24.39 0.05
CA TYR A 410 4.20 23.75 -1.17
C TYR A 410 3.81 22.29 -1.02
N LYS A 411 4.34 21.57 -0.02
CA LYS A 411 4.22 20.11 -0.04
C LYS A 411 4.30 19.57 1.38
N ILE A 412 3.43 18.62 1.70
CA ILE A 412 3.45 17.91 2.98
C ILE A 412 3.57 16.41 2.70
N LYS A 413 4.41 15.74 3.48
CA LYS A 413 4.70 14.32 3.32
C LYS A 413 4.90 13.67 4.67
N PHE A 414 4.10 12.63 4.95
CA PHE A 414 4.27 11.83 6.15
C PHE A 414 4.96 10.51 5.82
N PHE A 415 5.64 9.95 6.81
CA PHE A 415 6.20 8.60 6.77
C PHE A 415 5.71 7.92 8.04
N GLY A 416 4.53 7.32 7.96
CA GLY A 416 3.81 6.91 9.14
C GLY A 416 3.23 8.13 9.83
N SER A 417 2.52 7.88 10.92
CA SER A 417 1.85 8.95 11.63
C SER A 417 2.77 9.74 12.55
N GLN A 418 4.04 9.37 12.67
CA GLN A 418 4.95 10.00 13.61
C GLN A 418 6.18 10.63 12.95
N ARG A 419 6.29 10.58 11.63
CA ARG A 419 7.32 11.31 10.91
C ARG A 419 6.64 12.15 9.84
N GLY A 420 6.97 13.43 9.78
CA GLY A 420 6.38 14.31 8.79
C GLY A 420 7.29 15.48 8.50
N PHE A 421 7.15 16.02 7.29
CA PHE A 421 7.92 17.16 6.84
C PHE A 421 7.04 18.04 5.98
N VAL A 422 7.40 19.32 5.91
CA VAL A 422 6.77 20.26 4.99
C VAL A 422 7.88 20.98 4.23
N LEU A 423 7.76 21.04 2.91
CA LEU A 423 8.79 21.60 2.05
C LEU A 423 8.27 22.89 1.44
N GLY A 424 9.11 23.92 1.43
CA GLY A 424 8.71 25.23 0.98
C GLY A 424 9.82 25.92 0.20
N ALA A 425 9.51 27.13 -0.25
CA ALA A 425 10.48 27.94 -0.97
C ALA A 425 11.44 28.59 0.01
N ASP A 426 12.55 29.09 -0.54
CA ASP A 426 13.62 29.72 0.24
C ASP A 426 14.11 28.76 1.32
N GLY A 427 14.22 27.48 0.97
CA GLY A 427 14.85 26.53 1.87
C GLY A 427 14.11 26.33 3.17
N VAL A 428 12.80 26.52 3.18
CA VAL A 428 12.02 26.37 4.40
C VAL A 428 11.60 24.91 4.52
N LEU A 429 12.03 24.27 5.62
CA LEU A 429 11.64 22.89 5.90
C LEU A 429 11.19 22.79 7.35
N LEU A 430 10.00 22.22 7.54
CA LEU A 430 9.40 22.04 8.85
C LEU A 430 9.28 20.56 9.15
N LYS A 431 9.60 20.18 10.38
CA LYS A 431 9.59 18.79 10.80
C LYS A 431 8.45 18.59 11.79
N PHE A 432 7.77 17.45 11.67
CA PHE A 432 6.53 17.24 12.39
C PHE A 432 6.83 16.75 13.80
N HIS A 433 6.09 17.29 14.76
CA HIS A 433 6.26 16.96 16.17
C HIS A 433 4.98 16.39 16.74
N PRO A 434 4.85 15.06 16.80
CA PRO A 434 3.62 14.45 17.32
C PRO A 434 3.34 14.76 18.79
N GLU A 435 4.32 15.27 19.55
CA GLU A 435 4.04 15.57 20.95
C GLU A 435 2.83 16.47 21.13
N ASN A 436 2.51 17.30 20.13
CA ASN A 436 1.78 18.54 20.35
C ASN A 436 0.42 18.61 19.66
N VAL A 437 -0.04 17.54 19.02
CA VAL A 437 -1.24 17.63 18.20
C VAL A 437 -2.50 17.59 19.06
N ALA B 107 -27.01 -6.10 11.82
CA ALA B 107 -26.20 -7.28 11.58
C ALA B 107 -25.09 -6.99 10.58
N ALA B 108 -23.88 -6.74 11.09
CA ALA B 108 -22.82 -6.14 10.29
C ALA B 108 -22.07 -7.16 9.45
N TRP B 109 -22.21 -8.45 9.74
CA TRP B 109 -21.81 -9.51 8.85
C TRP B 109 -23.02 -10.35 8.50
N LYS B 110 -22.95 -11.02 7.35
CA LYS B 110 -24.04 -11.85 6.87
C LYS B 110 -23.46 -12.94 5.98
N GLN B 111 -24.06 -14.13 6.06
CA GLN B 111 -23.49 -15.29 5.40
C GLN B 111 -23.95 -15.36 3.96
N VAL B 112 -23.00 -15.48 3.04
CA VAL B 112 -23.28 -15.84 1.66
C VAL B 112 -23.29 -17.37 1.60
N PRO B 113 -24.43 -18.00 1.35
CA PRO B 113 -24.41 -19.45 1.17
C PRO B 113 -23.79 -19.78 -0.17
N LEU B 114 -22.97 -20.81 -0.19
CA LEU B 114 -22.31 -21.26 -1.41
C LEU B 114 -22.26 -22.78 -1.37
N PRO B 115 -22.09 -23.42 -2.52
CA PRO B 115 -22.18 -24.90 -2.58
C PRO B 115 -20.85 -25.63 -2.35
N THR B 116 -20.40 -25.64 -1.09
CA THR B 116 -19.23 -26.44 -0.76
C THR B 116 -19.13 -26.70 0.74
N GLU B 117 -18.48 -27.80 1.08
CA GLU B 117 -18.11 -28.15 2.43
C GLU B 117 -16.62 -27.94 2.69
N SER B 118 -15.91 -27.31 1.77
CA SER B 118 -14.47 -27.10 1.89
C SER B 118 -14.17 -25.97 2.88
N VAL B 119 -12.92 -25.93 3.34
CA VAL B 119 -12.45 -24.90 4.26
C VAL B 119 -11.87 -23.77 3.44
N LEU B 120 -12.37 -22.56 3.65
CA LEU B 120 -11.98 -21.41 2.84
C LEU B 120 -10.63 -20.87 3.32
N PHE B 121 -9.72 -20.65 2.38
CA PHE B 121 -8.37 -20.23 2.73
C PHE B 121 -7.99 -18.83 2.27
N ASP B 122 -8.50 -18.36 1.13
CA ASP B 122 -8.15 -17.02 0.70
C ASP B 122 -9.16 -16.52 -0.32
N ILE B 123 -9.22 -15.19 -0.44
CA ILE B 123 -10.08 -14.51 -1.39
C ILE B 123 -9.37 -13.24 -1.84
N ASP B 124 -9.47 -12.94 -3.13
CA ASP B 124 -8.92 -11.70 -3.66
C ASP B 124 -9.75 -11.27 -4.87
N PHE B 125 -9.62 -10.00 -5.23
CA PHE B 125 -10.45 -9.40 -6.26
C PHE B 125 -9.59 -8.78 -7.36
N SER B 126 -10.05 -8.92 -8.59
CA SER B 126 -9.39 -8.29 -9.72
C SER B 126 -9.29 -6.79 -9.50
N GLN B 127 -8.16 -6.22 -9.92
CA GLN B 127 -7.96 -4.79 -9.77
C GLN B 127 -8.66 -4.00 -10.88
N LYS B 128 -8.83 -4.60 -12.05
CA LYS B 128 -9.46 -3.89 -13.17
C LYS B 128 -10.97 -3.85 -13.02
N ASP B 129 -11.58 -4.95 -12.60
CA ASP B 129 -12.99 -4.98 -12.20
C ASP B 129 -13.04 -5.41 -10.75
N PRO B 130 -13.22 -4.48 -9.80
CA PRO B 130 -13.20 -4.86 -8.38
C PRO B 130 -14.39 -5.71 -7.95
N ASN B 131 -15.34 -5.99 -8.84
CA ASN B 131 -16.40 -6.95 -8.56
C ASN B 131 -16.07 -8.36 -9.03
N HIS B 132 -15.04 -8.52 -9.85
CA HIS B 132 -14.60 -9.82 -10.31
C HIS B 132 -13.56 -10.34 -9.32
N GLY B 133 -13.86 -11.46 -8.67
CA GLY B 133 -12.97 -11.97 -7.64
C GLY B 133 -13.02 -13.48 -7.55
N TRP B 134 -12.06 -14.02 -6.80
CA TRP B 134 -11.83 -15.45 -6.73
C TRP B 134 -11.70 -15.91 -5.28
N LEU B 135 -12.07 -17.17 -5.05
CA LEU B 135 -12.08 -17.75 -3.72
C LEU B 135 -11.55 -19.19 -3.80
N VAL B 136 -10.69 -19.55 -2.86
CA VAL B 136 -9.98 -20.83 -2.91
C VAL B 136 -10.07 -21.53 -1.56
N GLY B 137 -10.00 -22.84 -1.59
CA GLY B 137 -10.12 -23.62 -0.38
C GLY B 137 -9.53 -25.01 -0.50
N THR B 138 -10.00 -25.89 0.38
CA THR B 138 -9.56 -27.28 0.43
C THR B 138 -10.23 -28.12 -0.66
N ARG B 139 -9.67 -29.31 -0.87
CA ARG B 139 -10.19 -30.30 -1.82
C ARG B 139 -10.42 -29.71 -3.21
N GLY B 140 -9.52 -28.83 -3.62
CA GLY B 140 -9.59 -28.30 -4.98
C GLY B 140 -10.66 -27.26 -5.20
N LEU B 141 -11.11 -26.60 -4.14
CA LEU B 141 -12.19 -25.65 -4.27
C LEU B 141 -11.68 -24.37 -4.89
N VAL B 142 -12.35 -23.92 -5.96
CA VAL B 142 -12.08 -22.63 -6.59
C VAL B 142 -13.44 -22.05 -6.99
N LEU B 143 -13.74 -20.85 -6.48
CA LEU B 143 -15.00 -20.21 -6.86
C LEU B 143 -14.75 -18.82 -7.42
N GLU B 144 -15.58 -18.46 -8.38
CA GLU B 144 -15.50 -17.18 -9.08
C GLU B 144 -16.73 -16.34 -8.77
N THR B 145 -16.54 -15.05 -8.63
CA THR B 145 -17.64 -14.11 -8.45
C THR B 145 -17.47 -12.97 -9.45
N ARG B 146 -18.60 -12.46 -9.95
CA ARG B 146 -18.59 -11.28 -10.77
C ARG B 146 -19.57 -10.22 -10.27
N ASP B 147 -20.13 -10.41 -9.08
CA ASP B 147 -21.01 -9.42 -8.45
C ASP B 147 -20.47 -8.95 -7.11
N GLY B 148 -19.17 -9.05 -6.89
CA GLY B 148 -18.58 -8.62 -5.63
C GLY B 148 -18.79 -9.53 -4.46
N GLY B 149 -18.84 -10.85 -4.69
CA GLY B 149 -18.95 -11.80 -3.61
C GLY B 149 -20.33 -12.11 -3.09
N GLU B 150 -21.39 -11.73 -3.81
CA GLU B 150 -22.74 -12.15 -3.41
C GLU B 150 -23.15 -13.46 -4.03
N THR B 151 -22.71 -13.76 -5.25
CA THR B 151 -22.97 -15.04 -5.88
C THR B 151 -21.64 -15.63 -6.33
N TRP B 152 -21.55 -16.95 -6.29
CA TRP B 152 -20.32 -17.66 -6.63
C TRP B 152 -20.63 -18.79 -7.59
N GLU B 153 -19.65 -19.14 -8.41
CA GLU B 153 -19.83 -20.23 -9.36
C GLU B 153 -18.58 -21.09 -9.38
N PRO B 154 -18.72 -22.40 -9.16
CA PRO B 154 -17.54 -23.28 -9.14
C PRO B 154 -16.81 -23.25 -10.48
N ARG B 155 -15.51 -23.54 -10.43
CA ARG B 155 -14.73 -23.50 -11.65
C ARG B 155 -13.47 -24.34 -11.48
N ALA B 156 -12.85 -24.67 -12.61
CA ALA B 156 -11.67 -25.54 -12.65
C ALA B 156 -10.60 -24.90 -13.52
N PHE B 157 -9.36 -25.33 -13.28
CA PHE B 157 -8.19 -24.76 -13.95
C PHE B 157 -7.90 -25.41 -15.30
N GLU B 158 -7.97 -26.74 -15.36
CA GLU B 158 -7.76 -27.59 -16.54
C GLU B 158 -6.29 -27.80 -16.90
N ASP B 159 -5.34 -27.24 -16.16
CA ASP B 159 -3.93 -27.54 -16.40
C ASP B 159 -3.43 -28.67 -15.51
N VAL B 160 -4.28 -29.17 -14.62
CA VAL B 160 -4.05 -30.44 -13.95
C VAL B 160 -4.95 -31.52 -14.55
N GLU B 161 -6.27 -31.29 -14.55
CA GLU B 161 -7.24 -32.02 -15.38
C GLU B 161 -7.22 -33.52 -15.17
N ARG B 162 -6.70 -33.99 -14.03
CA ARG B 162 -6.73 -35.40 -13.69
C ARG B 162 -7.68 -35.69 -12.55
N GLU B 163 -8.47 -34.68 -12.13
CA GLU B 163 -9.37 -34.78 -10.98
C GLU B 163 -8.57 -34.97 -9.70
N GLU B 164 -7.24 -35.06 -9.81
CA GLU B 164 -6.36 -34.88 -8.67
C GLU B 164 -6.37 -33.44 -8.19
N GLU B 165 -6.97 -32.54 -8.97
CA GLU B 165 -7.32 -31.21 -8.46
C GLU B 165 -8.08 -31.32 -7.15
N LEU B 166 -8.90 -32.36 -7.01
CA LEU B 166 -9.60 -32.61 -5.76
C LEU B 166 -8.65 -32.93 -4.62
N ASN B 167 -7.39 -33.28 -4.92
CA ASN B 167 -6.40 -33.56 -3.89
C ASN B 167 -5.51 -32.36 -3.61
N TYR B 168 -5.69 -31.25 -4.31
CA TYR B 168 -4.95 -30.04 -4.00
C TYR B 168 -5.73 -29.16 -3.05
N ARG B 169 -4.98 -28.53 -2.14
CA ARG B 169 -5.47 -27.49 -1.25
C ARG B 169 -4.86 -26.18 -1.68
N PHE B 170 -5.70 -25.19 -2.00
CA PHE B 170 -5.19 -23.94 -2.54
C PHE B 170 -5.03 -22.93 -1.42
N SER B 171 -3.79 -22.45 -1.23
CA SER B 171 -3.44 -21.69 -0.05
C SER B 171 -3.83 -20.21 -0.16
N ASN B 172 -3.61 -19.60 -1.33
CA ASN B 172 -3.92 -18.19 -1.49
C ASN B 172 -4.04 -17.82 -2.96
N VAL B 173 -4.59 -16.64 -3.18
CA VAL B 173 -4.72 -16.05 -4.51
C VAL B 173 -4.40 -14.56 -4.37
N SER B 174 -3.67 -14.01 -5.35
CA SER B 174 -3.29 -12.60 -5.29
C SER B 174 -3.34 -11.99 -6.67
N PHE B 175 -3.89 -10.78 -6.75
CA PHE B 175 -4.13 -10.07 -8.00
C PHE B 175 -3.18 -8.88 -8.15
N SER B 176 -2.71 -8.66 -9.37
CA SER B 176 -2.11 -7.39 -9.77
C SER B 176 -2.65 -7.04 -11.14
N GLY B 177 -3.39 -5.95 -11.24
CA GLY B 177 -4.11 -5.67 -12.46
C GLY B 177 -5.20 -6.70 -12.66
N ASP B 178 -5.21 -7.33 -13.83
CA ASP B 178 -6.10 -8.44 -14.12
C ASP B 178 -5.38 -9.77 -14.10
N GLU B 179 -4.14 -9.79 -13.64
CA GLU B 179 -3.30 -10.99 -13.60
C GLU B 179 -3.29 -11.55 -12.19
N ALA B 180 -3.55 -12.85 -12.06
CA ALA B 180 -3.74 -13.49 -10.77
C ALA B 180 -2.80 -14.68 -10.61
N TRP B 181 -2.45 -14.97 -9.36
CA TRP B 181 -1.52 -16.04 -9.02
C TRP B 181 -2.13 -16.89 -7.91
N VAL B 182 -2.00 -18.22 -8.06
CA VAL B 182 -2.55 -19.19 -7.12
C VAL B 182 -1.46 -20.19 -6.79
N ILE B 183 -1.40 -20.62 -5.52
CA ILE B 183 -0.56 -21.73 -5.11
C ILE B 183 -1.37 -22.65 -4.22
N GLY B 184 -0.80 -23.83 -3.96
CA GLY B 184 -1.46 -24.81 -3.13
C GLY B 184 -0.53 -25.92 -2.69
N LYS B 185 -1.13 -26.95 -2.09
CA LYS B 185 -0.43 -28.10 -1.54
C LYS B 185 -1.09 -29.41 -1.94
N PRO B 186 -0.30 -30.40 -2.41
CA PRO B 186 1.15 -30.42 -2.68
C PRO B 186 1.57 -29.34 -3.68
N PRO B 187 2.86 -28.93 -3.65
CA PRO B 187 3.26 -27.70 -4.34
C PRO B 187 2.73 -27.57 -5.75
N VAL B 188 2.03 -26.45 -6.01
CA VAL B 188 1.42 -26.16 -7.29
C VAL B 188 1.29 -24.66 -7.39
N MET B 189 1.46 -24.14 -8.61
CA MET B 189 1.26 -22.72 -8.86
C MET B 189 0.56 -22.54 -10.19
N LEU B 190 -0.42 -21.64 -10.21
CA LEU B 190 -1.14 -21.32 -11.43
C LEU B 190 -1.24 -19.81 -11.59
N ARG B 191 -1.25 -19.37 -12.84
CA ARG B 191 -1.25 -17.96 -13.19
C ARG B 191 -2.27 -17.70 -14.26
N SER B 192 -2.91 -16.54 -14.19
CA SER B 192 -3.82 -16.08 -15.23
C SER B 192 -3.51 -14.63 -15.54
N THR B 193 -3.66 -14.26 -16.81
CA THR B 193 -3.41 -12.88 -17.23
C THR B 193 -4.68 -12.14 -17.62
N ASP B 194 -5.83 -12.82 -17.67
CA ASP B 194 -7.08 -12.24 -18.12
C ASP B 194 -8.17 -12.44 -17.09
N GLY B 195 -7.87 -12.14 -15.83
CA GLY B 195 -8.84 -12.21 -14.75
C GLY B 195 -9.27 -13.59 -14.36
N GLY B 196 -8.87 -14.63 -15.09
CA GLY B 196 -9.22 -15.98 -14.72
C GLY B 196 -9.88 -16.79 -15.82
N LYS B 197 -10.13 -16.15 -16.96
CA LYS B 197 -10.74 -16.88 -18.07
C LYS B 197 -9.84 -18.01 -18.55
N ASN B 198 -8.52 -17.85 -18.42
CA ASN B 198 -7.56 -18.86 -18.84
C ASN B 198 -6.45 -18.96 -17.80
N TRP B 199 -6.19 -20.18 -17.35
CA TRP B 199 -5.18 -20.45 -16.33
C TRP B 199 -4.09 -21.34 -16.91
N SER B 200 -2.94 -21.37 -16.23
CA SER B 200 -1.81 -22.15 -16.70
C SER B 200 -0.93 -22.57 -15.54
N ARG B 201 -0.56 -23.85 -15.53
CA ARG B 201 0.33 -24.41 -14.52
C ARG B 201 1.71 -23.74 -14.61
N ILE B 202 2.35 -23.54 -13.47
CA ILE B 202 3.70 -22.98 -13.40
C ILE B 202 4.60 -23.98 -12.69
N LEU B 203 5.73 -24.28 -13.31
CA LEU B 203 6.69 -25.22 -12.75
C LEU B 203 7.53 -24.54 -11.67
N LEU B 204 7.64 -25.19 -10.53
CA LEU B 204 8.53 -24.75 -9.46
C LEU B 204 9.79 -25.61 -9.49
N SER B 205 10.94 -24.94 -9.50
CA SER B 205 12.20 -25.66 -9.59
C SER B 205 12.29 -26.69 -8.47
N PRO B 206 12.80 -27.90 -8.75
CA PRO B 206 12.84 -28.94 -7.70
C PRO B 206 13.71 -28.55 -6.52
N LYS B 207 14.81 -27.86 -6.77
CA LYS B 207 15.68 -27.39 -5.70
C LYS B 207 15.32 -25.97 -5.28
N LEU B 208 14.04 -25.75 -4.99
CA LEU B 208 13.60 -24.59 -4.25
C LEU B 208 13.26 -25.04 -2.85
N PRO B 209 13.88 -24.47 -1.82
CA PRO B 209 13.68 -24.98 -0.46
C PRO B 209 12.23 -24.95 -0.06
N GLY B 210 11.82 -25.97 0.70
CA GLY B 210 10.49 -26.02 1.26
C GLY B 210 9.40 -25.92 0.22
N GLU B 211 8.28 -25.36 0.66
CA GLU B 211 7.01 -25.43 -0.04
C GLU B 211 6.34 -24.07 -0.07
N PRO B 212 5.67 -23.72 -1.17
CA PRO B 212 5.08 -22.38 -1.28
C PRO B 212 4.05 -22.13 -0.21
N LEU B 213 4.12 -20.93 0.39
CA LEU B 213 3.27 -20.58 1.52
C LEU B 213 2.54 -19.27 1.29
N LEU B 214 3.16 -18.37 0.52
CA LEU B 214 2.56 -17.07 0.23
C LEU B 214 3.04 -16.56 -1.11
N VAL B 215 2.10 -16.19 -1.97
CA VAL B 215 2.38 -15.54 -3.24
C VAL B 215 1.84 -14.11 -3.18
N THR B 216 2.51 -13.20 -3.88
CA THR B 216 2.11 -11.80 -3.87
C THR B 216 2.35 -11.22 -5.25
N ALA B 217 1.27 -10.83 -5.93
CA ALA B 217 1.37 -10.23 -7.25
C ALA B 217 1.83 -8.79 -7.12
N LEU B 218 2.91 -8.45 -7.84
CA LEU B 218 3.59 -7.17 -7.67
C LEU B 218 3.39 -6.20 -8.83
N GLY B 219 3.08 -6.70 -10.01
CA GLY B 219 3.02 -5.90 -11.22
C GLY B 219 2.96 -6.82 -12.41
N PRO B 220 3.09 -6.28 -13.61
CA PRO B 220 3.01 -7.13 -14.80
C PRO B 220 4.12 -8.17 -14.82
N ASN B 221 3.75 -9.44 -14.66
CA ASN B 221 4.64 -10.60 -14.63
C ASN B 221 5.53 -10.64 -13.39
N CYS B 222 5.30 -9.78 -12.41
CA CYS B 222 6.12 -9.71 -11.21
C CYS B 222 5.36 -10.32 -10.04
N ALA B 223 6.04 -11.14 -9.26
CA ALA B 223 5.43 -11.77 -8.10
C ALA B 223 6.51 -12.22 -7.12
N GLU B 224 6.21 -12.09 -5.82
CA GLU B 224 7.07 -12.59 -4.76
C GLU B 224 6.46 -13.85 -4.16
N MET B 225 7.34 -14.76 -3.75
CA MET B 225 6.92 -16.02 -3.14
C MET B 225 7.67 -16.22 -1.84
N VAL B 226 6.95 -16.60 -0.80
CA VAL B 226 7.53 -17.00 0.47
C VAL B 226 7.30 -18.49 0.65
N THR B 227 8.25 -19.14 1.29
CA THR B 227 8.23 -20.57 1.53
C THR B 227 8.01 -20.83 3.02
N SER B 228 7.40 -21.98 3.34
CA SER B 228 7.35 -22.45 4.73
C SER B 228 8.73 -22.48 5.37
N SER B 229 9.78 -22.59 4.57
CA SER B 229 11.16 -22.54 5.02
C SER B 229 11.70 -21.11 5.09
N GLY B 230 10.90 -20.11 4.75
CA GLY B 230 11.31 -18.72 4.88
C GLY B 230 12.08 -18.14 3.71
N ALA B 231 12.26 -18.90 2.63
CA ALA B 231 12.93 -18.38 1.45
C ALA B 231 12.00 -17.45 0.67
N ILE B 232 12.60 -16.47 0.01
CA ILE B 232 11.85 -15.48 -0.76
C ILE B 232 12.42 -15.41 -2.17
N TYR B 233 11.56 -15.59 -3.16
CA TYR B 233 11.95 -15.56 -4.57
C TYR B 233 11.10 -14.55 -5.32
N VAL B 234 11.73 -13.85 -6.25
CA VAL B 234 11.04 -12.94 -7.17
C VAL B 234 11.08 -13.55 -8.57
N THR B 235 9.92 -13.70 -9.18
CA THR B 235 9.83 -13.88 -10.62
C THR B 235 9.48 -12.54 -11.24
N GLU B 236 10.04 -12.28 -12.41
CA GLU B 236 9.73 -11.07 -13.15
C GLU B 236 9.38 -11.36 -14.60
N ASN B 237 9.43 -12.62 -15.03
CA ASN B 237 9.02 -13.02 -16.36
C ASN B 237 7.80 -13.94 -16.33
N GLY B 238 7.12 -14.02 -15.19
CA GLY B 238 5.89 -14.79 -15.10
C GLY B 238 6.04 -16.22 -14.62
N GLY B 239 7.15 -16.56 -13.96
CA GLY B 239 7.32 -17.88 -13.39
C GLY B 239 8.40 -18.74 -14.02
N ILE B 240 9.08 -18.25 -15.06
CA ILE B 240 10.16 -19.03 -15.66
C ILE B 240 11.39 -19.01 -14.77
N ASN B 241 11.79 -17.81 -14.32
CA ASN B 241 13.00 -17.64 -13.54
C ASN B 241 12.66 -17.00 -12.21
N TRP B 242 13.44 -17.36 -11.18
CA TRP B 242 13.21 -16.87 -9.82
C TRP B 242 14.56 -16.61 -9.18
N LYS B 243 14.93 -15.34 -9.07
CA LYS B 243 16.05 -14.97 -8.24
C LYS B 243 15.60 -14.85 -6.79
N ALA B 244 16.42 -15.35 -5.88
CA ALA B 244 16.11 -15.36 -4.46
C ALA B 244 16.57 -14.06 -3.82
N LEU B 245 15.68 -13.43 -3.07
CA LEU B 245 16.07 -12.35 -2.17
C LEU B 245 16.57 -12.88 -0.84
N VAL B 246 16.07 -14.06 -0.43
CA VAL B 246 16.54 -14.78 0.74
C VAL B 246 16.64 -16.25 0.38
N ARG B 247 17.84 -16.72 0.05
CA ARG B 247 17.98 -18.14 -0.28
C ARG B 247 18.15 -19.00 0.97
N GLU B 248 18.86 -18.47 1.97
CA GLU B 248 19.18 -19.28 3.14
C GLU B 248 17.90 -19.62 3.91
N THR B 249 17.80 -20.89 4.30
CA THR B 249 16.66 -21.36 5.08
C THR B 249 16.57 -20.59 6.40
N ILE B 250 15.34 -20.39 6.87
CA ILE B 250 15.15 -19.80 8.19
C ILE B 250 15.80 -20.67 9.25
N ASP B 251 15.78 -21.99 9.06
CA ASP B 251 16.44 -22.90 9.99
C ASP B 251 17.96 -22.69 9.97
N ALA B 252 18.52 -22.41 8.79
CA ALA B 252 19.97 -22.23 8.71
C ALA B 252 20.40 -20.96 9.43
N THR B 253 19.80 -19.81 9.08
CA THR B 253 20.19 -18.55 9.73
C THR B 253 20.06 -18.63 11.25
N LEU B 254 19.09 -19.38 11.75
CA LEU B 254 18.87 -19.43 13.19
C LEU B 254 19.87 -20.37 13.86
N ASN B 255 20.11 -21.54 13.27
CA ASN B 255 21.18 -22.42 13.71
C ASN B 255 22.55 -21.97 13.19
N ARG B 256 22.61 -20.76 12.65
CA ARG B 256 23.84 -20.09 12.24
C ARG B 256 24.20 -18.94 13.17
N THR B 257 23.24 -18.07 13.47
CA THR B 257 23.61 -16.78 14.02
C THR B 257 23.58 -16.72 15.55
N ILE B 258 22.39 -16.67 16.13
CA ILE B 258 22.20 -16.33 17.54
C ILE B 258 20.77 -16.69 17.94
N SER B 259 20.58 -17.17 19.16
CA SER B 259 19.25 -17.38 19.71
C SER B 259 18.79 -16.16 20.51
N SER B 260 17.47 -16.03 20.65
CA SER B 260 16.86 -14.84 21.25
C SER B 260 17.26 -14.64 22.71
N THR B 269 14.00 -27.45 15.49
CA THR B 269 13.78 -26.27 14.65
C THR B 269 12.82 -26.58 13.50
N GLY B 270 11.70 -25.85 13.47
CA GLY B 270 10.59 -26.18 12.61
C GLY B 270 10.54 -25.50 11.25
N SER B 271 9.34 -25.00 10.92
CA SER B 271 9.02 -24.20 9.75
C SER B 271 8.20 -23.00 10.21
N ILE B 272 7.77 -22.14 9.28
CA ILE B 272 7.11 -20.91 9.66
C ILE B 272 5.62 -20.95 9.33
N VAL B 273 4.89 -20.04 9.98
CA VAL B 273 3.43 -20.00 9.95
C VAL B 273 3.03 -18.54 9.83
N SER B 274 1.82 -18.32 9.28
CA SER B 274 1.12 -17.03 9.40
C SER B 274 1.96 -15.88 8.83
N VAL B 275 2.29 -15.98 7.56
CA VAL B 275 3.13 -15.00 6.89
C VAL B 275 2.24 -13.97 6.20
N SER B 276 2.62 -12.70 6.32
CA SER B 276 1.87 -11.60 5.73
C SER B 276 2.84 -10.57 5.16
N ARG B 277 2.40 -9.87 4.11
CA ARG B 277 3.20 -8.84 3.49
C ARG B 277 2.50 -7.50 3.67
N ASP B 278 3.26 -6.47 4.03
CA ASP B 278 2.69 -5.15 4.19
C ASP B 278 2.79 -4.39 2.87
N VAL B 279 2.19 -3.21 2.82
CA VAL B 279 2.14 -2.43 1.59
C VAL B 279 3.50 -1.90 1.18
N HIS B 280 4.46 -1.83 2.09
CA HIS B 280 5.81 -1.40 1.76
C HIS B 280 6.77 -2.56 1.54
N GLY B 281 6.25 -3.77 1.39
CA GLY B 281 7.08 -4.92 1.09
C GLY B 281 7.68 -5.60 2.29
N ASN B 282 7.32 -5.19 3.50
CA ASN B 282 7.77 -5.87 4.70
C ASN B 282 7.01 -7.16 4.90
N TYR B 283 7.70 -8.18 5.41
CA TYR B 283 7.09 -9.45 5.77
C TYR B 283 7.15 -9.63 7.28
N ILE B 284 6.12 -10.28 7.82
CA ILE B 284 6.12 -10.70 9.21
C ILE B 284 5.57 -12.12 9.26
N ALA B 285 6.13 -12.92 10.15
CA ALA B 285 5.80 -14.34 10.21
C ALA B 285 6.10 -14.85 11.60
N ILE B 286 5.79 -16.12 11.81
CA ILE B 286 5.94 -16.82 13.09
C ILE B 286 6.51 -18.20 12.88
N PRO B 287 7.40 -18.66 13.76
CA PRO B 287 7.80 -20.07 13.73
C PRO B 287 6.63 -20.97 14.08
N SER B 288 6.77 -22.24 13.69
CA SER B 288 5.66 -23.20 13.81
C SER B 288 5.06 -23.23 15.21
N ARG B 289 5.90 -23.15 16.24
CA ARG B 289 5.41 -23.26 17.62
C ARG B 289 5.42 -21.93 18.36
N GLY B 290 5.63 -20.82 17.65
CA GLY B 290 5.34 -19.51 18.18
C GLY B 290 6.21 -18.95 19.28
N ASN B 291 7.42 -19.48 19.49
CA ASN B 291 8.19 -19.02 20.65
C ASN B 291 8.70 -17.58 20.45
N PHE B 292 8.70 -17.10 19.23
CA PHE B 292 9.10 -15.76 18.91
C PHE B 292 8.39 -15.39 17.61
N PHE B 293 8.82 -14.30 16.98
CA PHE B 293 8.30 -13.99 15.66
C PHE B 293 9.42 -13.41 14.82
N LEU B 294 9.14 -13.30 13.52
CA LEU B 294 10.15 -12.96 12.53
C LEU B 294 9.63 -11.85 11.62
N THR B 295 10.57 -11.01 11.15
CA THR B 295 10.26 -9.94 10.22
C THR B 295 11.32 -9.91 9.13
N TRP B 296 10.95 -9.33 7.98
CA TRP B 296 11.88 -9.14 6.87
C TRP B 296 11.60 -7.80 6.20
N VAL B 297 12.64 -6.98 6.05
CA VAL B 297 12.55 -5.70 5.38
C VAL B 297 13.30 -5.76 4.06
N PRO B 298 12.79 -5.15 2.98
CA PRO B 298 13.49 -5.19 1.69
C PRO B 298 14.93 -4.71 1.80
N GLY B 299 15.81 -5.39 1.05
CA GLY B 299 17.22 -5.06 1.04
C GLY B 299 18.06 -5.86 2.02
N SER B 300 17.45 -6.39 3.08
CA SER B 300 18.15 -7.21 4.04
C SER B 300 18.22 -8.65 3.54
N ASP B 301 19.31 -9.34 3.89
CA ASP B 301 19.60 -10.65 3.35
C ASP B 301 19.01 -11.80 4.17
N PHE B 302 18.30 -11.52 5.26
CA PHE B 302 17.75 -12.58 6.09
C PHE B 302 16.66 -12.03 6.98
N TRP B 303 15.80 -12.93 7.44
CA TRP B 303 14.80 -12.61 8.44
C TRP B 303 15.43 -12.22 9.76
N THR B 304 14.77 -11.30 10.47
CA THR B 304 15.19 -10.88 11.81
C THR B 304 14.25 -11.46 12.85
N PRO B 305 14.74 -12.22 13.83
CA PRO B 305 13.85 -12.77 14.86
C PRO B 305 13.74 -11.83 16.06
N HIS B 306 12.54 -11.79 16.65
CA HIS B 306 12.28 -10.92 17.80
C HIS B 306 11.66 -11.77 18.90
N ALA B 307 12.16 -11.60 20.12
CA ALA B 307 11.62 -12.33 21.26
C ALA B 307 10.21 -11.85 21.57
N ARG B 308 9.32 -12.80 21.89
CA ARG B 308 7.97 -12.43 22.28
C ARG B 308 7.98 -11.74 23.64
N SER B 309 6.87 -11.08 23.96
CA SER B 309 6.76 -10.28 25.17
C SER B 309 5.82 -10.86 26.21
N THR B 310 5.49 -12.15 26.12
CA THR B 310 4.54 -12.76 27.03
C THR B 310 5.11 -14.07 27.59
N SER B 311 4.54 -14.51 28.71
CA SER B 311 4.75 -15.89 29.16
C SER B 311 4.22 -16.86 28.13
N ARG B 312 2.91 -16.79 27.84
CA ARG B 312 2.36 -17.71 26.86
C ARG B 312 2.75 -17.24 25.46
N ARG B 313 2.48 -18.09 24.48
CA ARG B 313 3.03 -17.95 23.14
C ARG B 313 2.01 -17.44 22.12
N ILE B 314 2.55 -17.11 20.96
CA ILE B 314 1.79 -16.44 19.91
C ILE B 314 1.12 -17.50 19.03
N SER B 315 -0.11 -17.22 18.62
CA SER B 315 -0.88 -18.01 17.66
C SER B 315 -1.07 -17.31 16.33
N ALA B 316 -1.20 -15.98 16.32
CA ALA B 316 -1.46 -15.20 15.12
C ALA B 316 -0.66 -13.90 15.19
N ILE B 317 -0.43 -13.29 14.02
CA ILE B 317 0.39 -12.09 13.92
C ILE B 317 0.10 -11.42 12.59
N GLY B 318 0.22 -10.10 12.56
CA GLY B 318 -0.02 -9.36 11.34
C GLY B 318 0.21 -7.87 11.55
N PHE B 319 0.00 -7.10 10.48
CA PHE B 319 0.16 -5.66 10.53
C PHE B 319 -1.19 -4.96 10.68
N ILE B 320 -1.17 -3.81 11.35
CA ILE B 320 -2.38 -3.03 11.52
C ILE B 320 -2.74 -2.40 10.19
N GLN B 321 -3.89 -2.80 9.64
CA GLN B 321 -4.31 -2.48 8.28
C GLN B 321 -3.14 -2.44 7.31
N ASN B 322 -2.37 -3.54 7.34
CA ASN B 322 -1.35 -3.87 6.35
C ASN B 322 -0.26 -2.79 6.21
N ASP B 323 0.14 -2.19 7.33
CA ASP B 323 1.18 -1.17 7.27
C ASP B 323 1.99 -1.22 8.56
N ALA B 324 3.29 -1.54 8.42
CA ALA B 324 4.17 -1.62 9.58
C ALA B 324 4.41 -0.26 10.23
N THR B 325 4.13 0.83 9.50
CA THR B 325 4.18 2.15 10.11
C THR B 325 2.97 2.43 10.99
N LYS B 326 1.97 1.55 11.00
CA LYS B 326 0.88 1.63 11.96
C LYS B 326 0.97 0.63 13.10
N GLY B 327 1.81 -0.39 12.98
CA GLY B 327 2.14 -1.24 14.11
C GLY B 327 1.84 -2.70 13.82
N ILE B 328 2.12 -3.52 14.83
CA ILE B 328 1.92 -4.96 14.77
C ILE B 328 0.90 -5.36 15.81
N TRP B 329 0.04 -6.33 15.47
CA TRP B 329 -0.82 -6.98 16.44
C TRP B 329 -0.43 -8.45 16.59
N GLU B 330 -0.66 -8.97 17.79
CA GLU B 330 -0.44 -10.39 18.07
C GLU B 330 -1.57 -10.88 18.96
N THR B 331 -1.90 -12.15 18.81
CA THR B 331 -2.88 -12.80 19.67
C THR B 331 -2.23 -14.00 20.33
N ILE B 332 -2.39 -14.08 21.63
CA ILE B 332 -1.75 -15.06 22.48
C ILE B 332 -2.67 -16.26 22.64
N ARG B 333 -2.03 -17.37 22.95
CA ARG B 333 -2.69 -18.60 23.30
C ARG B 333 -3.59 -18.40 24.50
N GLY B 334 -4.80 -18.95 24.42
CA GLY B 334 -5.80 -18.73 25.44
C GLY B 334 -6.47 -17.36 25.44
N GLY B 335 -6.41 -16.60 24.35
CA GLY B 335 -7.20 -15.38 24.23
C GLY B 335 -6.47 -14.05 24.43
N GLY B 336 -5.14 -14.08 24.59
CA GLY B 336 -4.40 -12.84 24.71
C GLY B 336 -4.44 -12.01 23.43
N LEU B 337 -4.11 -10.73 23.56
CA LEU B 337 -4.13 -9.80 22.45
C LEU B 337 -3.38 -8.53 22.82
N GLY B 338 -2.56 -8.03 21.89
CA GLY B 338 -1.80 -6.83 22.13
C GLY B 338 -1.48 -6.10 20.84
N PHE B 339 -1.14 -4.83 20.98
CA PHE B 339 -0.74 -3.99 19.84
C PHE B 339 0.51 -3.18 20.19
N THR B 340 1.19 -2.72 19.15
CA THR B 340 2.43 -1.96 19.25
C THR B 340 2.19 -0.49 18.91
N LYS B 341 3.10 0.35 19.38
CA LYS B 341 3.12 1.73 18.94
C LYS B 341 3.44 1.79 17.45
N PRO B 342 2.94 2.80 16.74
CA PRO B 342 3.31 2.98 15.34
C PRO B 342 4.79 3.27 15.19
N ASN B 343 5.29 3.08 13.97
CA ASN B 343 6.66 3.42 13.58
C ASN B 343 7.69 2.73 14.48
N VAL B 344 7.68 1.39 14.44
CA VAL B 344 8.69 0.57 15.09
C VAL B 344 9.63 0.04 14.02
N ASN B 345 10.93 0.10 14.30
CA ASN B 345 11.95 -0.33 13.34
C ASN B 345 12.05 -1.85 13.37
N LEU B 346 11.52 -2.51 12.33
CA LEU B 346 11.53 -3.97 12.27
C LEU B 346 12.93 -4.53 12.04
N ASN B 347 13.95 -3.68 11.90
CA ASN B 347 15.33 -4.12 11.89
C ASN B 347 15.96 -4.02 13.27
N SER B 348 15.30 -3.34 14.21
CA SER B 348 15.85 -3.17 15.55
C SER B 348 15.75 -4.47 16.33
N THR B 349 16.83 -4.79 17.04
CA THR B 349 16.94 -6.03 17.81
C THR B 349 16.35 -5.90 19.22
N GLU B 350 15.83 -4.73 19.58
CA GLU B 350 15.37 -4.44 20.94
C GLU B 350 13.87 -4.75 21.09
N THR B 351 13.55 -5.81 21.83
CA THR B 351 12.37 -5.88 22.69
C THR B 351 11.14 -5.17 22.13
N ILE B 352 10.58 -5.66 21.02
CA ILE B 352 9.36 -5.02 20.52
C ILE B 352 8.27 -5.23 21.54
N ALA B 353 7.80 -4.14 22.13
CA ALA B 353 6.87 -4.17 23.26
C ALA B 353 5.44 -4.03 22.77
N PHE B 354 4.60 -5.00 23.12
CA PHE B 354 3.18 -4.94 22.85
C PHE B 354 2.42 -4.49 24.09
N ASP B 355 1.39 -3.68 23.89
CA ASP B 355 0.50 -3.23 24.96
C ASP B 355 -0.69 -4.18 25.02
N MET B 356 -0.81 -4.90 26.13
CA MET B 356 -1.82 -5.95 26.24
C MET B 356 -3.19 -5.34 26.46
N VAL B 357 -4.22 -6.00 25.90
CA VAL B 357 -5.60 -5.55 26.00
C VAL B 357 -6.46 -6.73 26.43
N ASP B 358 -7.63 -6.41 26.99
CA ASP B 358 -8.57 -7.42 27.49
C ASP B 358 -9.48 -7.78 26.31
N SER B 359 -9.17 -8.90 25.66
CA SER B 359 -10.00 -9.37 24.56
C SER B 359 -11.42 -9.67 25.02
N LYS B 360 -11.60 -10.09 26.28
CA LYS B 360 -12.87 -10.49 26.90
C LYS B 360 -13.45 -11.75 26.27
N THR B 361 -12.61 -12.53 25.59
CA THR B 361 -13.01 -13.77 24.95
C THR B 361 -13.08 -14.95 25.92
N GLY B 362 -12.59 -14.79 27.14
CA GLY B 362 -12.46 -15.93 28.03
C GLY B 362 -11.19 -16.68 27.68
N GLY B 363 -11.27 -18.00 27.63
CA GLY B 363 -10.12 -18.81 27.25
C GLY B 363 -9.98 -19.10 25.78
N TYR B 364 -10.95 -18.72 24.96
CA TYR B 364 -10.87 -18.98 23.53
C TYR B 364 -9.78 -18.14 22.89
N GLY B 365 -9.00 -18.75 22.00
CA GLY B 365 -7.92 -18.05 21.34
C GLY B 365 -8.41 -17.33 20.10
N ILE B 366 -7.84 -16.16 19.85
CA ILE B 366 -8.13 -15.41 18.64
C ILE B 366 -7.36 -16.03 17.48
N LEU B 367 -7.99 -16.08 16.32
CA LEU B 367 -7.40 -16.69 15.14
C LEU B 367 -7.02 -15.69 14.06
N ASP B 368 -7.67 -14.54 13.99
CA ASP B 368 -7.27 -13.50 13.05
C ASP B 368 -7.88 -12.18 13.50
N VAL B 369 -7.15 -11.09 13.23
CA VAL B 369 -7.56 -9.74 13.61
C VAL B 369 -7.40 -8.83 12.40
N ALA B 370 -8.39 -7.99 12.15
CA ALA B 370 -8.36 -7.12 10.98
C ALA B 370 -9.00 -5.77 11.30
N PHE B 371 -8.38 -4.71 10.82
CA PHE B 371 -8.87 -3.34 11.00
C PHE B 371 -9.69 -2.92 9.79
N GLN B 372 -10.82 -2.25 10.05
CA GLN B 372 -11.57 -1.60 8.98
C GLN B 372 -11.07 -0.17 8.73
N ASP B 373 -10.75 0.57 9.78
CA ASP B 373 -10.05 1.84 9.70
C ASP B 373 -9.28 1.98 11.02
N ASP B 374 -8.86 3.21 11.35
CA ASP B 374 -8.10 3.41 12.58
C ASP B 374 -8.81 2.85 13.80
N ARG B 375 -10.09 3.15 13.93
CA ARG B 375 -10.73 2.89 15.21
C ARG B 375 -11.65 1.68 15.21
N HIS B 376 -12.09 1.18 14.08
CA HIS B 376 -13.01 0.03 14.04
C HIS B 376 -12.24 -1.23 13.70
N VAL B 377 -12.25 -2.21 14.59
CA VAL B 377 -11.50 -3.45 14.44
C VAL B 377 -12.40 -4.65 14.66
N TRP B 378 -12.02 -5.79 14.05
CA TRP B 378 -12.76 -7.04 14.13
C TRP B 378 -11.80 -8.20 14.40
N ALA B 379 -12.30 -9.21 15.10
CA ALA B 379 -11.49 -10.39 15.43
C ALA B 379 -12.34 -11.65 15.35
N ALA B 380 -11.74 -12.72 14.87
CA ALA B 380 -12.37 -14.04 14.81
C ALA B 380 -11.77 -14.93 15.89
N VAL B 381 -12.63 -15.65 16.61
CA VAL B 381 -12.23 -16.38 17.80
C VAL B 381 -12.61 -17.84 17.62
N GLY B 382 -11.95 -18.71 18.39
CA GLY B 382 -12.05 -20.14 18.15
C GLY B 382 -13.43 -20.72 18.35
N GLY B 383 -14.27 -20.07 19.14
CA GLY B 383 -15.61 -20.58 19.35
C GLY B 383 -16.59 -20.36 18.22
N GLY B 384 -16.12 -19.90 17.07
CA GLY B 384 -17.02 -19.53 15.98
C GLY B 384 -17.73 -18.21 16.16
N SER B 385 -17.30 -17.38 17.10
CA SER B 385 -17.92 -16.09 17.35
C SER B 385 -17.10 -14.98 16.72
N MET B 386 -17.61 -13.75 16.79
CA MET B 386 -16.99 -12.61 16.13
C MET B 386 -16.99 -11.44 17.09
N TYR B 387 -15.81 -10.89 17.35
CA TYR B 387 -15.65 -9.80 18.30
C TYR B 387 -15.27 -8.52 17.58
N ARG B 388 -15.68 -7.39 18.15
CA ARG B 388 -15.48 -6.11 17.48
C ARG B 388 -14.99 -5.08 18.48
N SER B 389 -14.27 -4.09 17.96
CA SER B 389 -13.82 -2.94 18.73
C SER B 389 -14.06 -1.69 17.90
N ASP B 390 -14.58 -0.66 18.54
CA ASP B 390 -14.83 0.62 17.88
C ASP B 390 -13.91 1.70 18.40
N ASP B 391 -12.85 1.32 19.14
CA ASP B 391 -12.00 2.22 19.85
C ASP B 391 -10.54 1.79 19.77
N GLY B 392 -9.92 1.96 18.60
CA GLY B 392 -8.63 1.31 18.39
C GLY B 392 -8.80 -0.17 18.64
N GLY B 393 -7.79 -0.77 19.28
CA GLY B 393 -7.91 -2.12 19.77
C GLY B 393 -7.99 -2.16 21.28
N LYS B 394 -8.52 -1.09 21.89
CA LYS B 394 -8.36 -0.83 23.31
C LYS B 394 -9.47 -1.45 24.15
N THR B 395 -10.72 -1.40 23.69
CA THR B 395 -11.83 -2.10 24.33
C THR B 395 -12.59 -2.88 23.27
N TRP B 396 -13.04 -4.06 23.64
CA TRP B 396 -13.60 -5.00 22.70
C TRP B 396 -14.99 -5.38 23.15
N ARG B 397 -15.83 -5.74 22.18
CA ARG B 397 -17.13 -6.31 22.51
C ARG B 397 -17.32 -7.60 21.72
N ARG B 398 -18.35 -8.34 22.08
CA ARG B 398 -18.73 -9.56 21.40
C ARG B 398 -20.05 -9.27 20.70
N ASP B 399 -20.00 -9.12 19.39
CA ASP B 399 -21.18 -8.80 18.59
C ASP B 399 -22.15 -9.97 18.59
N PRO B 400 -23.33 -9.84 19.22
CA PRO B 400 -24.22 -10.99 19.38
C PRO B 400 -25.03 -11.33 18.14
N LEU B 401 -25.07 -10.46 17.14
CA LEU B 401 -25.90 -10.65 15.96
C LEU B 401 -25.19 -11.44 14.85
N VAL B 402 -23.90 -11.72 15.00
CA VAL B 402 -23.14 -12.40 13.96
C VAL B 402 -22.72 -13.82 14.34
N SER B 403 -22.77 -14.20 15.60
CA SER B 403 -22.17 -15.45 16.06
C SER B 403 -23.12 -16.63 15.86
N LYS B 404 -22.70 -17.60 15.03
CA LYS B 404 -23.35 -18.91 14.92
C LYS B 404 -22.38 -19.99 15.39
N VAL B 405 -22.87 -20.93 16.19
CA VAL B 405 -22.05 -21.95 16.82
C VAL B 405 -21.76 -23.11 15.84
N GLY B 406 -20.68 -23.83 16.13
CA GLY B 406 -20.21 -24.93 15.32
C GLY B 406 -19.11 -24.61 14.34
N ALA B 407 -19.41 -23.81 13.31
CA ALA B 407 -18.41 -23.43 12.34
C ALA B 407 -17.38 -22.49 12.96
N ASN B 408 -16.11 -22.75 12.66
CA ASN B 408 -15.00 -21.95 13.17
C ASN B 408 -14.56 -20.96 12.11
N LEU B 409 -14.00 -19.83 12.57
CA LEU B 409 -13.68 -18.70 11.72
C LEU B 409 -12.19 -18.43 11.82
N TYR B 410 -11.50 -18.47 10.67
CA TYR B 410 -10.04 -18.50 10.62
C TYR B 410 -9.41 -17.23 10.07
N LYS B 411 -10.13 -16.44 9.29
CA LYS B 411 -9.52 -15.40 8.48
C LYS B 411 -10.50 -14.26 8.24
N ILE B 412 -9.98 -13.03 8.37
CA ILE B 412 -10.71 -11.81 8.06
C ILE B 412 -9.91 -11.06 7.01
N LYS B 413 -10.60 -10.53 6.00
CA LYS B 413 -9.92 -9.80 4.93
C LYS B 413 -10.81 -8.66 4.48
N PHE B 414 -10.29 -7.44 4.56
CA PHE B 414 -10.97 -6.26 4.05
C PHE B 414 -10.40 -5.84 2.71
N PHE B 415 -11.24 -5.16 1.92
CA PHE B 415 -10.83 -4.51 0.68
C PHE B 415 -11.35 -3.08 0.80
N GLY B 416 -10.56 -2.22 1.41
CA GLY B 416 -11.06 -0.93 1.85
C GLY B 416 -11.97 -1.09 3.06
N SER B 417 -12.48 0.03 3.54
CA SER B 417 -13.32 0.04 4.73
C SER B 417 -14.77 -0.36 4.44
N GLN B 418 -15.12 -0.64 3.19
CA GLN B 418 -16.52 -0.89 2.84
C GLN B 418 -16.76 -2.25 2.21
N ARG B 419 -15.72 -3.06 1.98
CA ARG B 419 -15.89 -4.43 1.55
C ARG B 419 -15.07 -5.35 2.44
N GLY B 420 -15.69 -6.43 2.92
CA GLY B 420 -14.98 -7.37 3.78
C GLY B 420 -15.58 -8.76 3.71
N PHE B 421 -14.73 -9.74 4.04
CA PHE B 421 -15.13 -11.14 4.08
C PHE B 421 -14.45 -11.83 5.23
N VAL B 422 -15.07 -12.91 5.70
CA VAL B 422 -14.50 -13.79 6.72
C VAL B 422 -14.60 -15.23 6.23
N LEU B 423 -13.53 -15.99 6.37
CA LEU B 423 -13.42 -17.32 5.81
C LEU B 423 -13.45 -18.37 6.92
N GLY B 424 -14.23 -19.44 6.71
CA GLY B 424 -14.43 -20.46 7.72
C GLY B 424 -14.49 -21.85 7.11
N ALA B 425 -14.63 -22.83 8.00
CA ALA B 425 -14.75 -24.23 7.61
C ALA B 425 -16.18 -24.55 7.19
N ASP B 426 -16.33 -25.67 6.47
CA ASP B 426 -17.60 -26.13 5.94
C ASP B 426 -18.27 -25.01 5.12
N GLY B 427 -17.48 -24.33 4.31
CA GLY B 427 -18.01 -23.37 3.35
C GLY B 427 -18.65 -22.15 3.93
N VAL B 428 -18.23 -21.73 5.13
CA VAL B 428 -18.79 -20.54 5.77
C VAL B 428 -18.00 -19.33 5.30
N LEU B 429 -18.67 -18.41 4.62
CA LEU B 429 -18.07 -17.14 4.22
C LEU B 429 -19.06 -16.05 4.58
N LEU B 430 -18.57 -15.02 5.27
CA LEU B 430 -19.42 -13.93 5.75
C LEU B 430 -19.02 -12.66 5.01
N LYS B 431 -20.00 -11.90 4.54
CA LYS B 431 -19.74 -10.73 3.73
C LYS B 431 -20.16 -9.48 4.50
N PHE B 432 -19.35 -8.43 4.39
CA PHE B 432 -19.43 -7.27 5.27
C PHE B 432 -20.45 -6.26 4.75
N HIS B 433 -21.23 -5.71 5.68
CA HIS B 433 -22.27 -4.73 5.35
C HIS B 433 -22.01 -3.45 6.16
N PRO B 434 -21.34 -2.46 5.56
CA PRO B 434 -20.98 -1.24 6.33
C PRO B 434 -22.16 -0.44 6.83
N GLU B 435 -23.34 -0.58 6.24
CA GLU B 435 -24.53 0.13 6.73
C GLU B 435 -24.78 -0.13 8.21
N ASN B 436 -24.22 -1.20 8.76
CA ASN B 436 -24.47 -1.59 10.15
C ASN B 436 -23.20 -1.44 10.98
#